data_8THP
#
_entry.id   8THP
#
_cell.length_a   86.089
_cell.length_b   96.978
_cell.length_c   130.940
_cell.angle_alpha   90.00
_cell.angle_beta   90.00
_cell.angle_gamma   90.00
#
_symmetry.space_group_name_H-M   'P 21 21 21'
#
loop_
_entity.id
_entity.type
_entity.pdbx_description
1 polymer 'Response regulator receiver protein'
2 non-polymer 'CALCIUM ION'
3 non-polymer GLYCEROL
4 water water
#
_entity_poly.entity_id   1
_entity_poly.type   'polypeptide(L)'
_entity_poly.pdbx_seq_one_letter_code
;GSHMDKIRILWVDDEIDLLKPHILFLEKKNYEVTTSNNGLDAIALFEEENFDIVFLDENMPGMSGLETLSEMKEKKSAIP
MIMITKSEEEYIMEEAIGSKIADYLIKPVNPNQILLSLKKNLDDSRLITEKTTLDYQKEFRKISMELAMVNSYEDWVELY
KKLLFWELKLEDINDQAMIEILESQKVEANSQFGKYIERNYEDWFAPKADKPIQSHNLFKELVVPEIKKKDKPILFVVID
NLRYDQWKSFETVISNYYKLEKEVPYFSILPTAVQYARNAIFSGLMPLDMEKQFPQYWKNDVEDGGKNLYEAEFLSAQIK
RLGLNIKEDYFKITNYAGGKKLAENFKALKGNDLVTVVYNFVDMLSHAKTEMEVVKELASDDKAYRSLTLSWFKNSPLLE
IIQQAQLLGFKLILTTDHGTINVKNPSKVVGDKNTSLNLRYKTGRSLTYEQKDVYVVKEPKTIGLPAINMSSSFIFAKND
FFLAYVNNYNHYVSYYKNTYQHGGISLEEMIIPFLVFNPK
;
_entity_poly.pdbx_strand_id   A,B
#
loop_
_chem_comp.id
_chem_comp.type
_chem_comp.name
_chem_comp.formula
CA non-polymer 'CALCIUM ION' 'Ca 2'
GOL non-polymer GLYCEROL 'C3 H8 O3'
#
# COMPACT_ATOMS: atom_id res chain seq x y z
N ASP A 5 24.76 9.26 -16.07
CA ASP A 5 24.55 9.71 -14.66
C ASP A 5 25.57 9.02 -13.75
N LYS A 6 26.30 9.81 -12.96
CA LYS A 6 27.16 9.27 -11.93
C LYS A 6 26.46 9.43 -10.57
N ILE A 7 26.56 8.42 -9.70
CA ILE A 7 25.91 8.48 -8.40
C ILE A 7 26.71 9.41 -7.48
N ARG A 8 26.03 10.39 -6.88
CA ARG A 8 26.66 11.36 -6.01
C ARG A 8 26.60 10.89 -4.55
N ILE A 9 27.77 10.74 -3.92
CA ILE A 9 27.91 10.36 -2.51
C ILE A 9 28.28 11.60 -1.69
N LEU A 10 27.63 11.75 -0.52
CA LEU A 10 28.04 12.78 0.43
C LEU A 10 28.67 12.09 1.63
N TRP A 11 29.99 12.20 1.78
CA TRP A 11 30.69 11.51 2.85
C TRP A 11 31.18 12.53 3.89
N VAL A 12 30.74 12.35 5.14
CA VAL A 12 31.10 13.22 6.25
C VAL A 12 31.96 12.45 7.25
N ASP A 13 33.19 12.92 7.48
CA ASP A 13 34.08 12.33 8.47
C ASP A 13 35.09 13.39 8.92
N ASP A 14 35.42 13.39 10.23
CA ASP A 14 36.44 14.30 10.77
C ASP A 14 37.79 13.95 10.17
N GLU A 15 38.08 12.65 10.01
CA GLU A 15 39.35 12.17 9.47
C GLU A 15 39.18 11.83 7.98
N ILE A 16 38.65 12.78 7.20
CA ILE A 16 38.30 12.48 5.81
C ILE A 16 39.53 12.38 4.91
N ASP A 17 40.71 12.75 5.45
CA ASP A 17 41.95 12.60 4.70
C ASP A 17 42.49 11.19 4.89
N LEU A 18 42.24 10.60 6.06
CA LEU A 18 42.62 9.22 6.32
C LEU A 18 41.81 8.26 5.44
N LEU A 19 40.76 8.78 4.79
CA LEU A 19 39.86 7.96 4.00
C LEU A 19 40.12 8.14 2.52
N LYS A 20 41.27 8.73 2.15
CA LYS A 20 41.58 8.97 0.75
C LYS A 20 41.60 7.67 -0.08
N PRO A 21 42.21 6.56 0.42
CA PRO A 21 42.13 5.28 -0.28
C PRO A 21 40.71 4.94 -0.73
N HIS A 22 39.76 4.96 0.23
CA HIS A 22 38.39 4.55 -0.03
C HIS A 22 37.78 5.42 -1.13
N ILE A 23 37.97 6.74 -0.99
CA ILE A 23 37.33 7.69 -1.89
C ILE A 23 37.87 7.47 -3.30
N LEU A 24 39.20 7.28 -3.41
CA LEU A 24 39.83 7.00 -4.69
C LEU A 24 39.26 5.73 -5.31
N PHE A 25 39.08 4.68 -4.48
CA PHE A 25 38.52 3.41 -4.94
C PHE A 25 37.12 3.63 -5.51
N LEU A 26 36.26 4.32 -4.73
CA LEU A 26 34.90 4.58 -5.17
C LEU A 26 34.91 5.39 -6.47
N GLU A 27 35.80 6.38 -6.54
CA GLU A 27 35.86 7.28 -7.68
C GLU A 27 36.16 6.50 -8.95
N LYS A 28 37.08 5.53 -8.88
CA LYS A 28 37.42 4.66 -10.00
C LYS A 28 36.20 3.86 -10.45
N LYS A 29 35.29 3.52 -9.53
CA LYS A 29 34.07 2.80 -9.85
C LYS A 29 32.98 3.76 -10.34
N ASN A 30 33.39 4.98 -10.75
CA ASN A 30 32.49 5.99 -11.29
C ASN A 30 31.47 6.44 -10.24
N TYR A 31 31.99 6.68 -9.02
CA TYR A 31 31.18 7.23 -7.94
C TYR A 31 31.71 8.64 -7.61
N GLU A 32 30.82 9.64 -7.66
CA GLU A 32 31.20 11.02 -7.38
C GLU A 32 31.04 11.28 -5.88
N VAL A 33 32.14 11.62 -5.19
CA VAL A 33 32.12 11.73 -3.73
C VAL A 33 32.36 13.19 -3.33
N THR A 34 31.47 13.78 -2.53
CA THR A 34 31.70 15.10 -1.98
C THR A 34 32.02 14.94 -0.49
N THR A 35 33.12 15.57 -0.04
CA THR A 35 33.62 15.35 1.31
C THR A 35 33.37 16.58 2.17
N SER A 36 33.24 16.35 3.49
CA SER A 36 33.08 17.40 4.49
C SER A 36 33.63 16.89 5.82
N ASN A 37 34.11 17.80 6.67
CA ASN A 37 34.76 17.42 7.92
C ASN A 37 33.84 17.58 9.15
N ASN A 38 32.62 18.09 8.94
CA ASN A 38 31.73 18.40 10.04
C ASN A 38 30.28 18.29 9.55
N GLY A 39 29.37 17.89 10.47
CA GLY A 39 27.97 17.69 10.14
C GLY A 39 27.26 18.93 9.62
N LEU A 40 27.60 20.09 10.18
CA LEU A 40 26.91 21.34 9.83
C LEU A 40 27.14 21.68 8.36
N ASP A 41 28.41 21.55 7.91
CA ASP A 41 28.75 21.80 6.51
C ASP A 41 28.05 20.78 5.63
N ALA A 42 27.98 19.53 6.11
CA ALA A 42 27.30 18.47 5.40
C ALA A 42 25.82 18.77 5.22
N ILE A 43 25.17 19.22 6.31
CA ILE A 43 23.76 19.57 6.25
C ILE A 43 23.54 20.60 5.15
N ALA A 44 24.46 21.57 5.06
CA ALA A 44 24.33 22.65 4.09
C ALA A 44 24.43 22.10 2.68
N LEU A 45 25.40 21.20 2.46
CA LEU A 45 25.59 20.57 1.16
C LEU A 45 24.38 19.70 0.81
N PHE A 46 23.83 19.01 1.82
CA PHE A 46 22.65 18.17 1.65
C PHE A 46 21.47 18.99 1.11
N GLU A 47 21.31 20.22 1.58
CA GLU A 47 20.20 21.07 1.15
C GLU A 47 20.49 21.72 -0.21
N GLU A 48 21.71 22.24 -0.40
CA GLU A 48 22.09 23.00 -1.59
C GLU A 48 22.06 22.11 -2.84
N GLU A 49 22.64 20.90 -2.77
CA GLU A 49 22.66 19.99 -3.91
C GLU A 49 21.84 18.73 -3.61
N ASN A 50 21.52 17.95 -4.66
CA ASN A 50 20.71 16.73 -4.53
C ASN A 50 21.59 15.49 -4.66
N PHE A 51 22.03 14.92 -3.54
CA PHE A 51 22.91 13.76 -3.56
C PHE A 51 22.06 12.49 -3.57
N ASP A 52 22.66 11.32 -3.88
CA ASP A 52 21.91 10.09 -4.05
C ASP A 52 22.00 9.23 -2.79
N ILE A 53 23.13 9.34 -2.07
CA ILE A 53 23.39 8.59 -0.84
C ILE A 53 24.36 9.41 0.01
N VAL A 54 24.32 9.21 1.34
CA VAL A 54 25.17 9.95 2.27
C VAL A 54 25.86 9.00 3.22
N PHE A 55 27.18 9.12 3.38
CA PHE A 55 27.94 8.32 4.34
C PHE A 55 28.28 9.19 5.55
N LEU A 56 28.25 8.63 6.77
CA LEU A 56 28.38 9.43 7.98
C LEU A 56 29.25 8.73 9.00
N ASP A 57 30.20 9.47 9.59
CA ASP A 57 30.90 8.99 10.78
C ASP A 57 30.07 9.37 12.01
N GLU A 58 30.13 8.57 13.08
CA GLU A 58 29.49 8.93 14.34
C GLU A 58 30.39 9.89 15.14
N ASN A 59 31.49 9.39 15.72
CA ASN A 59 32.31 10.20 16.61
C ASN A 59 33.02 11.26 15.79
N MET A 60 32.50 12.49 15.88
CA MET A 60 33.00 13.61 15.11
C MET A 60 33.05 14.84 16.02
N PRO A 61 34.17 15.60 16.03
CA PRO A 61 34.19 16.91 16.67
C PRO A 61 33.08 17.77 16.07
N GLY A 62 32.15 18.24 16.92
CA GLY A 62 30.97 18.92 16.43
C GLY A 62 29.71 18.10 16.69
N MET A 63 28.76 18.14 15.76
CA MET A 63 27.58 17.27 15.80
C MET A 63 28.00 15.85 15.47
N SER A 64 27.38 14.88 16.17
CA SER A 64 27.55 13.46 15.89
C SER A 64 26.89 13.10 14.58
N GLY A 65 27.24 11.96 13.99
CA GLY A 65 26.64 11.51 12.75
C GLY A 65 25.14 11.31 12.92
N LEU A 66 24.73 10.76 14.07
CA LEU A 66 23.32 10.52 14.31
C LEU A 66 22.55 11.84 14.37
N GLU A 67 23.16 12.88 14.97
CA GLU A 67 22.58 14.21 15.00
C GLU A 67 22.48 14.74 13.57
N THR A 68 23.55 14.60 12.79
CA THR A 68 23.57 15.08 11.40
C THR A 68 22.52 14.34 10.56
N LEU A 69 22.34 13.04 10.83
CA LEU A 69 21.34 12.23 10.16
C LEU A 69 19.95 12.80 10.42
N SER A 70 19.63 13.01 11.68
CA SER A 70 18.32 13.47 12.08
C SER A 70 17.98 14.77 11.34
N GLU A 71 18.91 15.72 11.34
CA GLU A 71 18.73 17.01 10.70
C GLU A 71 18.49 16.82 9.20
N MET A 72 19.30 15.95 8.58
CA MET A 72 19.24 15.71 7.15
C MET A 72 17.93 15.02 6.81
N LYS A 73 17.50 14.04 7.62
CA LYS A 73 16.33 13.26 7.30
C LYS A 73 15.07 14.13 7.37
N GLU A 74 15.08 15.14 8.24
CA GLU A 74 13.96 16.08 8.32
C GLU A 74 13.88 16.92 7.05
N LYS A 75 15.03 17.14 6.39
CA LYS A 75 15.13 18.02 5.24
C LYS A 75 14.90 17.26 3.94
N LYS A 76 15.42 16.04 3.81
CA LYS A 76 15.13 15.18 2.69
C LYS A 76 15.08 13.73 3.16
N SER A 77 13.88 13.24 3.48
CA SER A 77 13.68 11.93 4.08
C SER A 77 13.93 10.77 3.12
N ALA A 78 13.91 11.03 1.80
CA ALA A 78 14.02 9.98 0.80
C ALA A 78 15.44 9.41 0.68
N ILE A 79 16.45 10.27 0.89
CA ILE A 79 17.82 9.94 0.51
C ILE A 79 18.35 8.86 1.45
N PRO A 80 18.89 7.73 0.93
CA PRO A 80 19.53 6.71 1.76
C PRO A 80 20.79 7.19 2.48
N MET A 81 20.96 6.74 3.73
CA MET A 81 22.04 7.21 4.58
C MET A 81 22.77 6.00 5.15
N ILE A 82 24.11 5.96 5.05
CA ILE A 82 24.90 4.84 5.54
C ILE A 82 25.83 5.36 6.62
N MET A 83 26.05 4.58 7.68
CA MET A 83 27.00 4.98 8.72
C MET A 83 28.30 4.16 8.64
N ILE A 84 29.45 4.85 8.55
CA ILE A 84 30.77 4.23 8.51
C ILE A 84 31.61 4.77 9.65
N THR A 85 31.89 3.95 10.67
CA THR A 85 32.55 4.42 11.88
C THR A 85 33.17 3.25 12.64
N LYS A 86 33.97 3.56 13.68
CA LYS A 86 34.64 2.55 14.49
C LYS A 86 33.74 2.08 15.62
N SER A 87 32.66 2.82 15.90
CA SER A 87 31.82 2.52 17.04
C SER A 87 31.33 1.08 16.98
N GLU A 88 31.59 0.30 18.03
CA GLU A 88 31.11 -1.08 18.12
C GLU A 88 30.07 -1.20 19.21
N GLU A 89 29.71 -0.06 19.81
CA GLU A 89 28.80 -0.08 20.94
C GLU A 89 27.44 -0.55 20.45
N GLU A 90 26.80 -1.47 21.17
CA GLU A 90 25.50 -1.99 20.76
C GLU A 90 24.48 -0.86 20.71
N TYR A 91 24.63 0.12 21.61
CA TYR A 91 23.66 1.20 21.73
C TYR A 91 23.74 2.13 20.52
N ILE A 92 24.94 2.34 19.96
CA ILE A 92 25.08 3.19 18.79
C ILE A 92 24.50 2.47 17.57
N MET A 93 24.75 1.17 17.48
CA MET A 93 24.17 0.34 16.44
C MET A 93 22.65 0.48 16.50
N GLU A 94 22.11 0.31 17.72
CA GLU A 94 20.67 0.30 17.96
C GLU A 94 20.06 1.66 17.58
N GLU A 95 20.75 2.75 17.89
CA GLU A 95 20.22 4.08 17.63
C GLU A 95 20.15 4.31 16.13
N ALA A 96 21.18 3.88 15.41
CA ALA A 96 21.19 4.03 13.96
C ALA A 96 20.06 3.21 13.32
N ILE A 97 19.87 1.96 13.76
CA ILE A 97 18.83 1.13 13.20
C ILE A 97 17.46 1.69 13.54
N GLY A 98 17.29 2.23 14.76
CA GLY A 98 16.09 2.96 15.14
C GLY A 98 15.91 4.26 14.34
N SER A 99 17.03 4.85 13.89
CA SER A 99 17.02 6.05 13.08
C SER A 99 16.78 5.73 11.60
N LYS A 100 16.46 4.47 11.28
CA LYS A 100 16.18 4.03 9.91
C LYS A 100 17.42 4.17 9.03
N ILE A 101 18.57 3.74 9.52
CA ILE A 101 19.80 3.73 8.75
C ILE A 101 19.67 2.62 7.71
N ALA A 102 20.31 2.79 6.54
CA ALA A 102 20.27 1.81 5.47
C ALA A 102 21.28 0.70 5.71
N ASP A 103 22.51 1.10 6.12
CA ASP A 103 23.52 0.15 6.51
C ASP A 103 24.50 0.83 7.47
N TYR A 104 25.27 0.02 8.22
CA TYR A 104 26.23 0.49 9.22
C TYR A 104 27.51 -0.32 9.08
N LEU A 105 28.59 0.30 8.58
CA LEU A 105 29.84 -0.40 8.36
C LEU A 105 30.85 0.00 9.45
N ILE A 106 31.38 -1.00 10.15
CA ILE A 106 32.33 -0.80 11.25
C ILE A 106 33.73 -0.71 10.69
N LYS A 107 34.49 0.31 11.09
CA LYS A 107 35.86 0.50 10.61
C LYS A 107 36.79 -0.47 11.35
N PRO A 108 38.03 -0.70 10.84
CA PRO A 108 38.40 -0.40 9.45
C PRO A 108 37.60 -1.25 8.46
N VAL A 109 37.19 -0.65 7.34
CA VAL A 109 36.24 -1.24 6.41
C VAL A 109 36.97 -1.66 5.14
N ASN A 110 36.54 -2.77 4.51
CA ASN A 110 37.00 -3.18 3.21
C ASN A 110 36.31 -2.33 2.15
N PRO A 111 37.02 -1.71 1.18
CA PRO A 111 36.38 -0.81 0.22
C PRO A 111 35.24 -1.48 -0.55
N ASN A 112 35.31 -2.82 -0.69
CA ASN A 112 34.31 -3.58 -1.42
C ASN A 112 33.01 -3.70 -0.62
N GLN A 113 33.12 -3.70 0.71
CA GLN A 113 31.92 -3.72 1.55
C GLN A 113 31.10 -2.46 1.30
N ILE A 114 31.79 -1.34 1.08
CA ILE A 114 31.12 -0.08 0.79
C ILE A 114 30.43 -0.20 -0.56
N LEU A 115 31.07 -0.89 -1.50
CA LEU A 115 30.56 -0.98 -2.87
C LEU A 115 29.31 -1.84 -2.86
N LEU A 116 29.36 -2.94 -2.11
CA LEU A 116 28.22 -3.81 -1.95
C LEU A 116 27.05 -2.98 -1.42
N SER A 117 27.30 -2.16 -0.39
CA SER A 117 26.28 -1.34 0.26
C SER A 117 25.72 -0.31 -0.73
N LEU A 118 26.58 0.26 -1.58
CA LEU A 118 26.15 1.20 -2.60
C LEU A 118 25.17 0.52 -3.56
N LYS A 119 25.56 -0.63 -4.09
CA LYS A 119 24.72 -1.39 -5.00
C LYS A 119 23.45 -1.85 -4.30
N LYS A 120 23.58 -2.41 -3.09
CA LYS A 120 22.49 -3.01 -2.35
C LYS A 120 21.40 -1.98 -2.06
N ASN A 121 21.82 -0.75 -1.76
CA ASN A 121 20.86 0.25 -1.34
C ASN A 121 20.40 1.10 -2.52
N LEU A 122 21.05 1.00 -3.69
CA LEU A 122 20.73 1.88 -4.80
C LEU A 122 20.36 1.16 -6.10
N ASP A 123 20.74 -0.11 -6.27
CA ASP A 123 20.49 -0.82 -7.51
C ASP A 123 19.78 -2.15 -7.28
N ASP A 124 19.29 -2.41 -6.07
CA ASP A 124 18.72 -3.71 -5.74
C ASP A 124 17.50 -4.01 -6.60
N SER A 125 16.60 -3.04 -6.79
CA SER A 125 15.36 -3.28 -7.51
C SER A 125 15.63 -3.82 -8.91
N ARG A 126 16.64 -3.25 -9.57
CA ARG A 126 16.99 -3.64 -10.92
C ARG A 126 17.57 -5.06 -10.91
N LEU A 127 18.47 -5.32 -9.96
CA LEU A 127 19.12 -6.61 -9.84
C LEU A 127 18.09 -7.71 -9.58
N ILE A 128 17.13 -7.44 -8.68
CA ILE A 128 16.11 -8.40 -8.31
C ILE A 128 15.19 -8.68 -9.50
N THR A 129 14.84 -7.64 -10.27
CA THR A 129 14.11 -7.80 -11.51
C THR A 129 14.82 -8.78 -12.45
N GLU A 130 16.13 -8.57 -12.66
CA GLU A 130 16.92 -9.37 -13.56
C GLU A 130 16.99 -10.81 -13.07
N LYS A 131 17.30 -10.98 -11.79
CA LYS A 131 17.48 -12.32 -11.24
C LYS A 131 16.16 -13.09 -11.29
N THR A 132 15.06 -12.42 -10.90
CA THR A 132 13.78 -13.10 -10.82
C THR A 132 13.42 -13.60 -12.21
N THR A 133 13.59 -12.75 -13.23
CA THR A 133 13.17 -13.09 -14.58
C THR A 133 13.96 -14.29 -15.06
N LEU A 134 15.28 -14.29 -14.83
CA LEU A 134 16.15 -15.37 -15.27
C LEU A 134 15.83 -16.67 -14.53
N ASP A 135 15.57 -16.59 -13.22
CA ASP A 135 15.22 -17.77 -12.45
C ASP A 135 13.97 -18.46 -13.02
N TYR A 136 12.95 -17.66 -13.38
CA TYR A 136 11.73 -18.18 -13.96
C TYR A 136 11.98 -18.77 -15.35
N GLN A 137 12.77 -18.05 -16.18
CA GLN A 137 13.12 -18.53 -17.51
C GLN A 137 13.65 -19.96 -17.46
N LYS A 138 14.34 -20.31 -16.36
CA LYS A 138 14.99 -21.60 -16.26
C LYS A 138 14.15 -22.58 -15.44
N GLU A 139 12.93 -22.16 -15.03
CA GLU A 139 12.09 -22.99 -14.18
C GLU A 139 10.73 -23.26 -14.82
N PHE A 140 10.28 -22.41 -15.74
CA PHE A 140 8.93 -22.50 -16.25
C PHE A 140 8.69 -23.82 -16.98
N ARG A 141 9.70 -24.33 -17.69
CA ARG A 141 9.53 -25.57 -18.42
C ARG A 141 9.27 -26.72 -17.45
N LYS A 142 10.00 -26.72 -16.32
CA LYS A 142 9.77 -27.69 -15.27
C LYS A 142 8.36 -27.57 -14.70
N ILE A 143 7.90 -26.31 -14.54
CA ILE A 143 6.59 -26.02 -14.00
C ILE A 143 5.53 -26.61 -14.92
N SER A 144 5.65 -26.36 -16.24
CA SER A 144 4.73 -26.92 -17.22
C SER A 144 4.69 -28.45 -17.12
N MET A 145 5.87 -29.07 -16.99
CA MET A 145 5.97 -30.51 -16.94
C MET A 145 5.21 -31.07 -15.73
N GLU A 146 5.42 -30.46 -14.56
CA GLU A 146 4.75 -30.89 -13.33
C GLU A 146 3.23 -30.79 -13.50
N LEU A 147 2.79 -29.74 -14.22
CA LEU A 147 1.38 -29.52 -14.51
C LEU A 147 0.83 -30.63 -15.38
N ALA A 148 1.65 -31.11 -16.32
CA ALA A 148 1.26 -32.24 -17.18
C ALA A 148 1.30 -33.56 -16.42
N MET A 149 1.86 -33.56 -15.19
CA MET A 149 2.02 -34.76 -14.39
C MET A 149 0.95 -34.84 -13.31
N VAL A 150 0.41 -33.69 -12.88
CA VAL A 150 -0.54 -33.67 -11.77
C VAL A 150 -1.75 -34.53 -12.13
N ASN A 151 -2.16 -35.39 -11.19
CA ASN A 151 -3.30 -36.28 -11.36
C ASN A 151 -3.99 -36.56 -10.02
N SER A 152 -3.61 -35.84 -8.97
CA SER A 152 -4.19 -35.98 -7.64
C SER A 152 -4.51 -34.59 -7.07
N TYR A 153 -5.30 -34.56 -5.99
CA TYR A 153 -5.66 -33.30 -5.36
C TYR A 153 -4.48 -32.75 -4.56
N GLU A 154 -3.67 -33.63 -3.97
CA GLU A 154 -2.47 -33.19 -3.28
C GLU A 154 -1.48 -32.62 -4.31
N ASP A 155 -1.43 -33.25 -5.50
CA ASP A 155 -0.63 -32.75 -6.60
C ASP A 155 -1.07 -31.35 -7.02
N TRP A 156 -2.40 -31.12 -7.07
CA TRP A 156 -2.97 -29.84 -7.43
C TRP A 156 -2.62 -28.78 -6.39
N VAL A 157 -2.77 -29.16 -5.12
CA VAL A 157 -2.47 -28.27 -4.02
C VAL A 157 -1.03 -27.78 -4.13
N GLU A 158 -0.10 -28.66 -4.52
CA GLU A 158 1.31 -28.32 -4.58
C GLU A 158 1.62 -27.39 -5.75
N LEU A 159 1.07 -27.67 -6.92
CA LEU A 159 1.34 -26.84 -8.08
C LEU A 159 0.73 -25.46 -7.87
N TYR A 160 -0.35 -25.39 -7.10
CA TYR A 160 -0.97 -24.10 -6.80
C TYR A 160 0.02 -23.26 -5.98
N LYS A 161 0.66 -23.90 -5.00
CA LYS A 161 1.66 -23.23 -4.17
C LYS A 161 2.78 -22.69 -5.04
N LYS A 162 3.20 -23.49 -6.03
CA LYS A 162 4.27 -23.11 -6.93
C LYS A 162 3.85 -21.89 -7.72
N LEU A 163 2.65 -21.96 -8.32
CA LEU A 163 2.16 -20.86 -9.15
C LEU A 163 2.03 -19.57 -8.34
N LEU A 164 1.57 -19.68 -7.10
CA LEU A 164 1.42 -18.54 -6.21
C LEU A 164 2.77 -17.93 -5.87
N PHE A 165 3.76 -18.80 -5.65
CA PHE A 165 5.13 -18.39 -5.36
C PHE A 165 5.68 -17.51 -6.49
N TRP A 166 5.54 -18.00 -7.73
CA TRP A 166 6.04 -17.29 -8.90
C TRP A 166 5.20 -16.05 -9.21
N GLU A 167 3.90 -16.11 -8.86
CA GLU A 167 3.02 -14.97 -9.11
C GLU A 167 3.53 -13.74 -8.36
N LEU A 168 3.81 -13.90 -7.07
CA LEU A 168 4.25 -12.77 -6.25
C LEU A 168 5.67 -12.34 -6.60
N LYS A 169 6.49 -13.29 -7.07
CA LYS A 169 7.87 -13.04 -7.45
C LYS A 169 7.93 -12.20 -8.73
N LEU A 170 7.07 -12.48 -9.70
CA LEU A 170 7.19 -11.86 -11.01
C LEU A 170 6.30 -10.63 -11.11
N GLU A 171 5.67 -10.19 -10.01
CA GLU A 171 4.65 -9.17 -10.14
C GLU A 171 5.25 -7.84 -10.62
N ASP A 172 6.55 -7.62 -10.38
N ASP A 172 6.55 -7.62 -10.38
CA ASP A 172 7.20 -6.36 -10.67
CA ASP A 172 7.19 -6.35 -10.69
C ASP A 172 8.07 -6.43 -11.93
C ASP A 172 8.10 -6.45 -11.91
N ILE A 173 8.10 -7.59 -12.63
CA ILE A 173 9.02 -7.82 -13.72
C ILE A 173 8.53 -7.05 -14.96
N ASN A 174 9.43 -6.81 -15.93
CA ASN A 174 9.12 -6.00 -17.11
C ASN A 174 9.06 -6.84 -18.39
N ASP A 175 9.67 -8.03 -18.39
CA ASP A 175 9.70 -8.90 -19.56
C ASP A 175 8.30 -9.48 -19.79
N GLN A 176 7.62 -9.00 -20.85
CA GLN A 176 6.24 -9.40 -21.10
C GLN A 176 6.17 -10.89 -21.45
N ALA A 177 7.21 -11.38 -22.13
CA ALA A 177 7.26 -12.76 -22.55
C ALA A 177 7.05 -13.69 -21.35
N MET A 178 7.86 -13.49 -20.30
CA MET A 178 7.81 -14.36 -19.13
C MET A 178 6.48 -14.18 -18.39
N ILE A 179 5.96 -12.94 -18.36
CA ILE A 179 4.68 -12.65 -17.75
C ILE A 179 3.58 -13.49 -18.41
N GLU A 180 3.61 -13.57 -19.75
CA GLU A 180 2.59 -14.26 -20.51
C GLU A 180 2.73 -15.78 -20.35
N ILE A 181 3.94 -16.25 -20.08
CA ILE A 181 4.14 -17.68 -19.86
C ILE A 181 3.47 -18.09 -18.56
N LEU A 182 3.66 -17.27 -17.51
CA LEU A 182 3.03 -17.55 -16.22
C LEU A 182 1.51 -17.62 -16.37
N GLU A 183 0.95 -16.64 -17.10
CA GLU A 183 -0.49 -16.60 -17.35
C GLU A 183 -0.95 -17.86 -18.07
N SER A 184 -0.18 -18.33 -19.06
CA SER A 184 -0.49 -19.56 -19.79
C SER A 184 -0.63 -20.75 -18.83
N GLN A 185 0.34 -20.88 -17.92
CA GLN A 185 0.37 -21.99 -16.97
C GLN A 185 -0.82 -21.88 -16.02
N LYS A 186 -1.12 -20.66 -15.58
CA LYS A 186 -2.26 -20.40 -14.70
C LYS A 186 -3.56 -20.82 -15.38
N VAL A 187 -3.71 -20.48 -16.67
CA VAL A 187 -4.89 -20.86 -17.42
C VAL A 187 -4.99 -22.39 -17.51
N GLU A 188 -3.91 -23.01 -17.98
CA GLU A 188 -3.87 -24.45 -18.16
C GLU A 188 -4.18 -25.13 -16.82
N ALA A 189 -3.72 -24.53 -15.72
CA ALA A 189 -3.92 -25.10 -14.41
C ALA A 189 -5.41 -25.32 -14.13
N ASN A 190 -6.20 -24.25 -14.23
CA ASN A 190 -7.64 -24.33 -13.91
C ASN A 190 -8.33 -25.24 -14.92
N SER A 191 -7.90 -25.21 -16.18
CA SER A 191 -8.46 -26.07 -17.22
C SER A 191 -8.37 -27.53 -16.78
N GLN A 192 -7.14 -27.97 -16.48
CA GLN A 192 -6.89 -29.34 -16.09
C GLN A 192 -7.52 -29.62 -14.73
N PHE A 193 -7.47 -28.62 -13.82
CA PHE A 193 -8.07 -28.75 -12.49
C PHE A 193 -9.58 -28.98 -12.60
N GLY A 194 -10.23 -28.22 -13.48
CA GLY A 194 -11.67 -28.33 -13.66
C GLY A 194 -12.06 -29.71 -14.14
N LYS A 195 -11.27 -30.25 -15.09
CA LYS A 195 -11.47 -31.61 -15.58
C LYS A 195 -11.30 -32.59 -14.42
N TYR A 196 -10.29 -32.37 -13.57
CA TYR A 196 -10.03 -33.22 -12.42
C TYR A 196 -11.27 -33.27 -11.53
N ILE A 197 -11.82 -32.08 -11.22
CA ILE A 197 -12.98 -31.97 -10.35
C ILE A 197 -14.19 -32.59 -11.04
N GLU A 198 -14.36 -32.27 -12.34
CA GLU A 198 -15.46 -32.79 -13.12
C GLU A 198 -15.43 -34.31 -13.11
N ARG A 199 -14.23 -34.90 -13.03
CA ARG A 199 -14.06 -36.34 -13.16
C ARG A 199 -13.92 -37.02 -11.80
N ASN A 200 -13.88 -36.25 -10.70
CA ASN A 200 -13.69 -36.85 -9.38
C ASN A 200 -14.64 -36.29 -8.33
N TYR A 201 -15.26 -35.12 -8.58
CA TYR A 201 -16.08 -34.47 -7.56
C TYR A 201 -17.20 -35.41 -7.11
N GLU A 202 -17.87 -36.06 -8.07
CA GLU A 202 -18.98 -36.96 -7.77
C GLU A 202 -18.50 -38.14 -6.93
N ASP A 203 -17.42 -38.76 -7.37
CA ASP A 203 -16.91 -39.96 -6.72
C ASP A 203 -16.49 -39.63 -5.28
N TRP A 204 -16.03 -38.40 -5.04
CA TRP A 204 -15.64 -37.94 -3.71
C TRP A 204 -16.78 -38.10 -2.70
N PHE A 205 -18.04 -38.08 -3.17
CA PHE A 205 -19.18 -38.26 -2.30
C PHE A 205 -19.59 -39.73 -2.14
N ALA A 206 -18.95 -40.62 -2.92
CA ALA A 206 -19.14 -42.06 -2.75
C ALA A 206 -18.15 -42.56 -1.70
N PRO A 207 -18.59 -43.29 -0.65
CA PRO A 207 -17.65 -43.85 0.33
C PRO A 207 -16.51 -44.62 -0.37
N ASP A 210 -10.81 -41.64 -2.39
CA ASP A 210 -10.05 -40.73 -1.49
C ASP A 210 -10.35 -39.27 -1.87
N LYS A 211 -10.93 -38.53 -0.91
CA LYS A 211 -11.38 -37.18 -1.17
C LYS A 211 -10.56 -36.21 -0.31
N PRO A 212 -10.40 -34.95 -0.75
CA PRO A 212 -9.76 -33.92 0.08
C PRO A 212 -10.69 -33.44 1.19
N ILE A 213 -10.14 -32.67 2.15
CA ILE A 213 -10.96 -31.96 3.13
C ILE A 213 -11.80 -30.92 2.37
N GLN A 214 -13.10 -30.83 2.70
CA GLN A 214 -14.03 -29.96 1.98
C GLN A 214 -14.79 -29.09 2.99
N SER A 215 -15.73 -28.28 2.49
CA SER A 215 -16.49 -27.35 3.32
C SER A 215 -17.30 -28.07 4.41
N HIS A 216 -17.98 -29.17 4.03
CA HIS A 216 -18.85 -29.91 4.96
C HIS A 216 -18.04 -30.67 6.01
N ASN A 217 -16.71 -30.74 5.84
CA ASN A 217 -15.84 -31.53 6.71
C ASN A 217 -14.89 -30.66 7.53
N LEU A 218 -14.85 -29.35 7.28
CA LEU A 218 -13.80 -28.51 7.85
C LEU A 218 -13.87 -28.49 9.37
N PHE A 219 -15.05 -28.16 9.93
CA PHE A 219 -15.16 -27.94 11.37
C PHE A 219 -14.77 -29.20 12.16
N LYS A 220 -15.39 -30.34 11.81
CA LYS A 220 -15.19 -31.58 12.55
C LYS A 220 -13.77 -32.13 12.38
N GLU A 221 -13.21 -32.04 11.16
CA GLU A 221 -11.94 -32.70 10.85
C GLU A 221 -10.72 -31.86 11.27
N LEU A 222 -10.82 -30.52 11.24
CA LEU A 222 -9.67 -29.65 11.48
C LEU A 222 -9.86 -28.82 12.75
N VAL A 223 -11.02 -28.18 12.90
CA VAL A 223 -11.25 -27.26 13.99
C VAL A 223 -11.49 -28.04 15.27
N VAL A 224 -12.38 -29.05 15.22
CA VAL A 224 -12.80 -29.73 16.44
C VAL A 224 -11.57 -30.25 17.20
N PRO A 225 -10.59 -30.91 16.54
CA PRO A 225 -9.36 -31.34 17.20
C PRO A 225 -8.64 -30.24 17.98
N GLU A 226 -8.47 -29.06 17.36
CA GLU A 226 -7.70 -27.98 17.97
C GLU A 226 -8.35 -27.46 19.25
N ILE A 227 -9.64 -27.74 19.42
CA ILE A 227 -10.40 -27.31 20.58
C ILE A 227 -10.34 -28.40 21.66
N LYS A 228 -10.36 -29.68 21.25
CA LYS A 228 -10.26 -30.81 22.16
C LYS A 228 -8.98 -30.70 23.00
N LYS A 229 -7.93 -30.09 22.43
CA LYS A 229 -6.67 -29.86 23.15
C LYS A 229 -6.95 -29.06 24.43
N LYS A 230 -7.95 -28.18 24.42
CA LYS A 230 -8.38 -27.47 25.61
C LYS A 230 -7.18 -26.84 26.31
N ASP A 231 -6.41 -26.05 25.56
CA ASP A 231 -5.22 -25.40 26.09
C ASP A 231 -5.38 -23.88 26.10
N LYS A 232 -6.09 -23.34 25.09
CA LYS A 232 -6.22 -21.89 24.91
C LYS A 232 -7.63 -21.55 24.44
N PRO A 233 -8.08 -20.28 24.60
CA PRO A 233 -9.31 -19.81 23.93
C PRO A 233 -9.05 -19.67 22.43
N ILE A 234 -10.08 -19.82 21.59
CA ILE A 234 -9.87 -19.87 20.15
C ILE A 234 -10.69 -18.78 19.44
N LEU A 235 -10.05 -18.08 18.49
CA LEU A 235 -10.71 -17.11 17.62
C LEU A 235 -10.81 -17.71 16.22
N PHE A 236 -12.03 -18.07 15.77
CA PHE A 236 -12.24 -18.72 14.49
C PHE A 236 -12.78 -17.71 13.50
N VAL A 237 -11.89 -17.12 12.68
CA VAL A 237 -12.25 -16.06 11.75
C VAL A 237 -12.49 -16.67 10.38
N VAL A 238 -13.61 -16.30 9.74
CA VAL A 238 -13.88 -16.71 8.38
C VAL A 238 -13.95 -15.46 7.54
N ILE A 239 -12.96 -15.28 6.65
CA ILE A 239 -12.95 -14.17 5.71
C ILE A 239 -13.63 -14.64 4.43
N ASP A 240 -14.81 -14.09 4.14
CA ASP A 240 -15.56 -14.47 2.95
C ASP A 240 -14.75 -14.12 1.71
N ASN A 241 -14.76 -15.01 0.70
CA ASN A 241 -14.22 -14.73 -0.62
C ASN A 241 -12.75 -14.29 -0.52
N LEU A 242 -11.88 -15.10 0.10
CA LEU A 242 -10.46 -14.76 0.21
C LEU A 242 -9.60 -15.72 -0.60
N ARG A 243 -8.92 -15.18 -1.64
CA ARG A 243 -8.06 -15.97 -2.51
C ARG A 243 -6.71 -16.22 -1.81
N TYR A 244 -6.03 -17.31 -2.21
CA TYR A 244 -4.80 -17.71 -1.55
C TYR A 244 -3.77 -16.59 -1.72
N ASP A 245 -3.71 -15.97 -2.92
CA ASP A 245 -2.76 -14.90 -3.18
C ASP A 245 -2.97 -13.72 -2.23
N GLN A 246 -4.23 -13.39 -1.91
CA GLN A 246 -4.58 -12.31 -0.99
C GLN A 246 -4.01 -12.61 0.38
N TRP A 247 -4.20 -13.84 0.85
CA TRP A 247 -3.62 -14.28 2.10
C TRP A 247 -2.10 -14.05 2.07
N LYS A 248 -1.44 -14.51 0.99
CA LYS A 248 0.00 -14.44 0.90
C LYS A 248 0.46 -12.98 0.97
N SER A 249 -0.39 -12.06 0.51
CA SER A 249 -0.02 -10.65 0.43
C SER A 249 0.06 -10.01 1.82
N PHE A 250 -0.68 -10.56 2.80
CA PHE A 250 -0.68 -9.98 4.15
C PHE A 250 -0.18 -10.97 5.21
N GLU A 251 0.39 -12.11 4.78
CA GLU A 251 0.97 -13.07 5.71
C GLU A 251 2.10 -12.47 6.56
N THR A 252 2.91 -11.56 5.98
CA THR A 252 3.91 -10.80 6.73
C THR A 252 3.29 -10.07 7.93
N VAL A 253 2.16 -9.41 7.70
CA VAL A 253 1.54 -8.59 8.72
C VAL A 253 1.07 -9.48 9.87
N ILE A 254 0.43 -10.60 9.52
CA ILE A 254 -0.16 -11.48 10.52
C ILE A 254 0.95 -12.07 11.39
N SER A 255 2.15 -12.24 10.78
CA SER A 255 3.31 -12.80 11.47
C SER A 255 3.72 -11.96 12.67
N ASN A 256 3.59 -10.62 12.55
CA ASN A 256 3.98 -9.68 13.60
C ASN A 256 3.19 -9.94 14.88
N TYR A 257 2.13 -10.76 14.81
CA TYR A 257 1.22 -10.97 15.93
C TYR A 257 1.02 -12.46 16.21
N TYR A 258 0.87 -13.28 15.15
CA TYR A 258 0.56 -14.71 15.30
C TYR A 258 1.57 -15.60 14.57
N LYS A 259 2.07 -16.62 15.28
CA LYS A 259 2.97 -17.62 14.70
C LYS A 259 2.12 -18.73 14.08
N LEU A 260 2.41 -19.10 12.84
CA LEU A 260 1.63 -20.14 12.18
C LEU A 260 2.00 -21.51 12.73
N GLU A 261 1.02 -22.22 13.28
CA GLU A 261 1.25 -23.54 13.83
C GLU A 261 0.98 -24.58 12.73
N LYS A 262 -0.05 -24.34 11.91
CA LYS A 262 -0.51 -25.30 10.93
C LYS A 262 -1.15 -24.57 9.75
N GLU A 263 -0.86 -25.03 8.53
CA GLU A 263 -1.51 -24.52 7.33
C GLU A 263 -1.97 -25.70 6.47
N VAL A 264 -3.28 -25.79 6.21
CA VAL A 264 -3.85 -26.91 5.48
C VAL A 264 -4.73 -26.34 4.37
N PRO A 265 -4.34 -26.49 3.08
CA PRO A 265 -5.24 -26.17 1.98
C PRO A 265 -6.41 -27.16 1.97
N TYR A 266 -7.65 -26.67 1.83
CA TYR A 266 -8.82 -27.53 1.69
C TYR A 266 -9.62 -27.10 0.46
N PHE A 267 -10.53 -27.97 0.00
CA PHE A 267 -11.29 -27.74 -1.22
C PHE A 267 -12.71 -27.31 -0.87
N SER A 268 -13.10 -26.10 -1.29
CA SER A 268 -14.46 -25.61 -1.05
C SER A 268 -15.45 -26.45 -1.86
N ILE A 269 -16.64 -26.69 -1.31
CA ILE A 269 -17.62 -27.52 -1.98
C ILE A 269 -18.26 -26.69 -3.10
N LEU A 270 -18.69 -27.37 -4.16
CA LEU A 270 -19.40 -26.71 -5.25
C LEU A 270 -20.87 -26.55 -4.87
N PRO A 271 -21.55 -25.47 -5.30
CA PRO A 271 -20.92 -24.27 -5.86
C PRO A 271 -20.14 -23.48 -4.81
N THR A 272 -19.07 -22.79 -5.24
CA THR A 272 -18.23 -22.05 -4.31
C THR A 272 -18.87 -20.70 -3.98
N ALA A 273 -19.96 -20.74 -3.21
CA ALA A 273 -20.73 -19.55 -2.88
C ALA A 273 -21.06 -19.59 -1.39
N VAL A 274 -21.07 -18.43 -0.72
CA VAL A 274 -21.25 -18.34 0.72
C VAL A 274 -22.51 -19.10 1.14
N GLN A 275 -23.61 -18.90 0.39
CA GLN A 275 -24.89 -19.49 0.70
C GLN A 275 -24.73 -21.00 0.96
N TYR A 276 -24.04 -21.69 0.05
CA TYR A 276 -23.89 -23.13 0.13
C TYR A 276 -22.65 -23.52 0.94
N ALA A 277 -21.50 -22.92 0.60
CA ALA A 277 -20.22 -23.30 1.19
C ALA A 277 -20.10 -22.86 2.64
N ARG A 278 -20.30 -21.57 2.94
CA ARG A 278 -20.03 -21.09 4.28
C ARG A 278 -21.00 -21.73 5.27
N ASN A 279 -22.26 -21.91 4.85
CA ASN A 279 -23.24 -22.58 5.70
C ASN A 279 -22.75 -23.98 6.07
N ALA A 280 -22.21 -24.72 5.09
CA ALA A 280 -21.69 -26.06 5.32
C ALA A 280 -20.55 -26.04 6.33
N ILE A 281 -19.67 -25.03 6.27
CA ILE A 281 -18.54 -24.93 7.19
C ILE A 281 -19.06 -24.87 8.63
N PHE A 282 -20.15 -24.14 8.86
CA PHE A 282 -20.71 -23.99 10.20
C PHE A 282 -21.64 -25.16 10.55
N SER A 283 -22.20 -25.85 9.55
CA SER A 283 -23.18 -26.91 9.78
C SER A 283 -22.54 -28.30 9.71
N GLY A 284 -21.63 -28.49 8.74
CA GLY A 284 -21.05 -29.79 8.47
C GLY A 284 -21.98 -30.66 7.64
N LEU A 285 -22.83 -30.02 6.83
CA LEU A 285 -23.80 -30.72 6.01
C LEU A 285 -23.73 -30.18 4.58
N MET A 286 -24.08 -31.04 3.60
CA MET A 286 -24.12 -30.62 2.21
C MET A 286 -25.46 -29.96 1.94
N PRO A 287 -25.56 -29.01 0.97
CA PRO A 287 -26.80 -28.30 0.70
C PRO A 287 -28.05 -29.18 0.71
N LEU A 288 -27.98 -30.35 0.07
CA LEU A 288 -29.09 -31.30 0.11
C LEU A 288 -29.45 -31.63 1.56
N ASP A 289 -28.45 -32.09 2.33
CA ASP A 289 -28.69 -32.52 3.71
C ASP A 289 -29.06 -31.32 4.57
N MET A 290 -28.47 -30.16 4.27
CA MET A 290 -28.78 -28.92 4.98
C MET A 290 -30.27 -28.60 4.84
N GLU A 291 -30.82 -28.85 3.63
CA GLU A 291 -32.23 -28.62 3.34
C GLU A 291 -33.07 -29.63 4.10
N LYS A 292 -32.63 -30.90 4.15
CA LYS A 292 -33.38 -31.98 4.77
C LYS A 292 -33.41 -31.81 6.29
N GLN A 293 -32.24 -31.61 6.91
CA GLN A 293 -32.14 -31.56 8.37
C GLN A 293 -32.70 -30.24 8.89
N PHE A 294 -32.42 -29.12 8.19
CA PHE A 294 -32.83 -27.81 8.70
C PHE A 294 -33.57 -27.03 7.60
N PRO A 295 -34.81 -27.43 7.23
CA PRO A 295 -35.65 -26.61 6.35
C PRO A 295 -35.96 -25.28 7.02
N GLN A 296 -35.99 -25.29 8.37
CA GLN A 296 -36.18 -24.11 9.19
C GLN A 296 -35.05 -23.10 9.01
N TYR A 297 -33.84 -23.57 8.60
CA TYR A 297 -32.68 -22.70 8.49
C TYR A 297 -32.13 -22.59 7.05
N TRP A 298 -32.52 -23.50 6.14
CA TRP A 298 -31.97 -23.50 4.79
C TRP A 298 -32.80 -22.63 3.86
N LYS A 299 -32.18 -22.15 2.77
CA LYS A 299 -32.86 -21.38 1.74
C LYS A 299 -32.33 -21.73 0.35
N ASN A 300 -33.23 -21.89 -0.63
CA ASN A 300 -32.85 -22.17 -2.01
C ASN A 300 -32.71 -20.85 -2.76
N ASP A 301 -32.18 -20.91 -4.00
CA ASP A 301 -31.95 -19.73 -4.81
C ASP A 301 -33.25 -18.96 -5.03
N VAL A 302 -34.36 -19.69 -5.19
CA VAL A 302 -35.67 -19.11 -5.45
C VAL A 302 -36.11 -18.23 -4.25
N GLU A 303 -35.71 -18.61 -3.03
CA GLU A 303 -36.19 -17.95 -1.83
C GLU A 303 -35.66 -16.50 -1.74
N ASP A 304 -36.22 -15.70 -0.82
CA ASP A 304 -35.89 -14.28 -0.67
C ASP A 304 -35.06 -14.04 0.59
N GLY A 305 -34.22 -13.00 0.55
CA GLY A 305 -33.50 -12.54 1.72
C GLY A 305 -32.11 -13.17 1.85
N GLY A 306 -31.44 -12.86 2.97
CA GLY A 306 -30.10 -13.37 3.24
C GLY A 306 -30.14 -14.87 3.52
N LYS A 307 -29.08 -15.57 3.11
CA LYS A 307 -29.08 -17.03 3.13
C LYS A 307 -28.19 -17.57 4.27
N ASN A 308 -27.47 -16.67 4.97
CA ASN A 308 -26.50 -17.07 5.96
C ASN A 308 -26.74 -16.36 7.29
N LEU A 309 -28.01 -16.18 7.67
CA LEU A 309 -28.34 -15.63 8.98
C LEU A 309 -28.45 -16.75 10.02
N TYR A 310 -28.46 -18.00 9.54
CA TYR A 310 -28.71 -19.15 10.40
C TYR A 310 -27.41 -19.94 10.67
N GLU A 311 -26.26 -19.30 10.41
CA GLU A 311 -24.97 -19.95 10.56
C GLU A 311 -24.71 -20.26 12.03
N ALA A 312 -25.05 -19.30 12.91
CA ALA A 312 -24.86 -19.47 14.35
C ALA A 312 -25.65 -20.68 14.84
N GLU A 313 -26.89 -20.82 14.34
CA GLU A 313 -27.75 -21.93 14.71
C GLU A 313 -27.16 -23.25 14.20
N PHE A 314 -26.75 -23.28 12.92
CA PHE A 314 -26.08 -24.44 12.35
C PHE A 314 -24.84 -24.79 13.16
N LEU A 315 -24.02 -23.79 13.51
CA LEU A 315 -22.78 -24.00 14.23
C LEU A 315 -23.06 -24.61 15.61
N SER A 316 -23.97 -23.99 16.36
CA SER A 316 -24.38 -24.51 17.65
C SER A 316 -24.82 -25.97 17.50
N ALA A 317 -25.57 -26.25 16.42
CA ALA A 317 -26.06 -27.58 16.13
C ALA A 317 -24.89 -28.54 15.91
N GLN A 318 -23.89 -28.13 15.12
CA GLN A 318 -22.75 -28.98 14.82
C GLN A 318 -22.00 -29.31 16.11
N ILE A 319 -21.81 -28.32 16.99
CA ILE A 319 -21.15 -28.51 18.27
C ILE A 319 -21.89 -29.59 19.07
N LYS A 320 -23.22 -29.57 18.99
CA LYS A 320 -24.05 -30.53 19.70
C LYS A 320 -23.96 -31.89 19.00
N ARG A 321 -24.01 -31.87 17.65
CA ARG A 321 -23.98 -33.09 16.85
C ARG A 321 -22.61 -33.77 17.00
N LEU A 322 -21.56 -32.99 17.27
CA LEU A 322 -20.22 -33.52 17.53
C LEU A 322 -20.07 -33.94 19.00
N GLY A 323 -21.13 -33.74 19.79
CA GLY A 323 -21.17 -34.17 21.17
C GLY A 323 -20.18 -33.42 22.05
N LEU A 324 -20.01 -32.11 21.79
CA LEU A 324 -19.17 -31.25 22.62
C LEU A 324 -20.04 -30.18 23.27
N ASN A 325 -19.66 -29.78 24.48
CA ASN A 325 -20.29 -28.68 25.17
C ASN A 325 -19.20 -27.69 25.59
N ILE A 326 -19.21 -26.51 24.95
CA ILE A 326 -18.35 -25.40 25.33
C ILE A 326 -19.17 -24.12 25.23
N LYS A 327 -18.71 -23.04 25.90
CA LYS A 327 -19.31 -21.72 25.72
C LYS A 327 -18.94 -21.21 24.32
N GLU A 328 -19.93 -20.79 23.52
CA GLU A 328 -19.71 -20.39 22.12
C GLU A 328 -20.42 -19.07 21.79
N ASP A 329 -19.87 -18.32 20.82
CA ASP A 329 -20.49 -17.10 20.31
C ASP A 329 -20.22 -17.00 18.81
N TYR A 330 -21.08 -16.24 18.11
CA TYR A 330 -20.98 -16.02 16.68
C TYR A 330 -21.26 -14.56 16.35
N PHE A 331 -20.36 -13.91 15.60
CA PHE A 331 -20.57 -12.56 15.12
C PHE A 331 -20.33 -12.49 13.62
N LYS A 332 -21.17 -11.71 12.92
CA LYS A 332 -21.08 -11.49 11.49
C LYS A 332 -20.87 -9.99 11.22
N ILE A 333 -19.61 -9.60 10.95
CA ILE A 333 -19.26 -8.22 10.66
C ILE A 333 -19.54 -7.94 9.20
N THR A 334 -20.28 -6.86 8.93
CA THR A 334 -20.68 -6.53 7.56
C THR A 334 -20.38 -5.08 7.22
N ASN A 335 -19.75 -4.34 8.14
CA ASN A 335 -19.48 -2.93 7.89
C ASN A 335 -18.47 -2.42 8.91
N TYR A 336 -17.95 -1.20 8.64
CA TYR A 336 -16.86 -0.61 9.40
C TYR A 336 -17.22 -0.45 10.86
N ALA A 337 -18.29 0.31 11.13
CA ALA A 337 -18.82 0.43 12.48
C ALA A 337 -18.86 -0.93 13.20
N GLY A 338 -19.46 -1.94 12.54
CA GLY A 338 -19.64 -3.26 13.13
C GLY A 338 -18.31 -3.86 13.59
N GLY A 339 -17.31 -3.81 12.70
CA GLY A 339 -15.98 -4.31 13.00
C GLY A 339 -15.24 -3.48 14.04
N LYS A 340 -15.39 -2.14 13.99
CA LYS A 340 -14.71 -1.28 14.94
C LYS A 340 -15.39 -1.39 16.30
N LYS A 341 -16.71 -1.64 16.32
CA LYS A 341 -17.42 -1.89 17.57
C LYS A 341 -16.79 -3.09 18.26
N LEU A 342 -16.77 -4.24 17.57
CA LEU A 342 -16.42 -5.51 18.18
C LEU A 342 -14.98 -5.50 18.69
N ALA A 343 -14.13 -4.61 18.14
CA ALA A 343 -12.74 -4.48 18.56
C ALA A 343 -12.59 -4.22 20.06
N GLU A 344 -13.31 -3.23 20.60
CA GLU A 344 -13.16 -2.86 22.02
C GLU A 344 -13.83 -3.91 22.91
N ASN A 345 -14.99 -4.41 22.48
CA ASN A 345 -15.79 -5.30 23.31
C ASN A 345 -15.24 -6.73 23.23
N PHE A 346 -14.29 -6.99 22.33
CA PHE A 346 -13.70 -8.31 22.21
C PHE A 346 -13.09 -8.70 23.56
N LYS A 347 -12.68 -7.67 24.34
CA LYS A 347 -12.11 -7.85 25.66
C LYS A 347 -12.98 -8.79 26.49
N ALA A 348 -14.25 -8.41 26.61
CA ALA A 348 -15.20 -9.00 27.53
C ALA A 348 -15.41 -10.50 27.30
N LEU A 349 -15.36 -10.97 26.05
CA LEU A 349 -15.84 -12.32 25.74
C LEU A 349 -14.76 -13.38 25.91
N LYS A 350 -13.66 -13.03 26.61
CA LYS A 350 -12.50 -13.91 26.68
C LYS A 350 -12.83 -15.23 27.38
N GLY A 351 -13.55 -15.16 28.51
CA GLY A 351 -13.86 -16.32 29.33
C GLY A 351 -14.65 -17.40 28.58
N ASN A 352 -15.56 -16.95 27.70
CA ASN A 352 -16.18 -17.81 26.71
C ASN A 352 -15.07 -18.54 25.93
N ASP A 353 -15.29 -19.82 25.60
CA ASP A 353 -14.23 -20.69 25.07
C ASP A 353 -13.82 -20.32 23.65
N LEU A 354 -14.78 -20.29 22.72
CA LEU A 354 -14.50 -20.06 21.30
C LEU A 354 -15.22 -18.79 20.82
N VAL A 355 -14.54 -18.01 19.96
CA VAL A 355 -15.12 -16.81 19.37
C VAL A 355 -15.07 -16.96 17.85
N THR A 356 -16.24 -16.98 17.21
CA THR A 356 -16.32 -17.05 15.76
C THR A 356 -16.62 -15.65 15.22
N VAL A 357 -15.77 -15.15 14.32
CA VAL A 357 -15.98 -13.87 13.67
C VAL A 357 -16.07 -14.11 12.16
N VAL A 358 -17.19 -13.69 11.55
CA VAL A 358 -17.34 -13.72 10.11
C VAL A 358 -17.16 -12.29 9.60
N TYR A 359 -16.17 -12.08 8.70
CA TYR A 359 -15.87 -10.76 8.17
C TYR A 359 -16.12 -10.80 6.66
N ASN A 360 -17.07 -9.97 6.20
CA ASN A 360 -17.56 -10.07 4.83
C ASN A 360 -17.10 -8.91 3.95
N PHE A 361 -16.10 -8.15 4.41
CA PHE A 361 -15.64 -6.97 3.68
C PHE A 361 -15.04 -7.35 2.33
N VAL A 362 -14.30 -8.47 2.27
CA VAL A 362 -13.53 -8.82 1.09
C VAL A 362 -14.47 -9.16 -0.07
N ASP A 363 -15.57 -9.86 0.24
CA ASP A 363 -16.56 -10.17 -0.79
C ASP A 363 -17.09 -8.85 -1.35
N MET A 364 -17.38 -7.91 -0.45
CA MET A 364 -17.94 -6.61 -0.82
C MET A 364 -17.00 -5.88 -1.77
N LEU A 365 -15.70 -5.93 -1.47
CA LEU A 365 -14.70 -5.26 -2.30
C LEU A 365 -14.66 -5.86 -3.71
N SER A 366 -14.76 -7.20 -3.79
CA SER A 366 -14.64 -7.93 -5.04
C SER A 366 -15.67 -7.44 -6.06
N HIS A 367 -16.95 -7.36 -5.65
CA HIS A 367 -18.01 -7.03 -6.59
C HIS A 367 -18.14 -5.52 -6.75
N ALA A 368 -17.49 -4.74 -5.87
CA ALA A 368 -17.50 -3.29 -6.01
C ALA A 368 -16.81 -2.87 -7.32
N LYS A 369 -15.80 -3.65 -7.73
CA LYS A 369 -15.08 -3.40 -8.96
C LYS A 369 -16.02 -3.55 -10.13
N THR A 370 -17.00 -4.46 -10.01
CA THR A 370 -17.96 -4.68 -11.10
C THR A 370 -18.69 -3.39 -11.46
N GLU A 371 -18.76 -2.44 -10.50
CA GLU A 371 -19.64 -1.28 -10.63
C GLU A 371 -18.85 0.03 -10.59
N MET A 372 -17.97 0.19 -9.58
CA MET A 372 -17.40 1.49 -9.30
C MET A 372 -16.07 1.65 -10.02
N GLU A 373 -15.91 2.80 -10.69
CA GLU A 373 -14.68 3.15 -11.41
C GLU A 373 -13.48 3.27 -10.46
N VAL A 374 -13.72 3.74 -9.25
CA VAL A 374 -12.73 3.84 -8.19
C VAL A 374 -12.07 2.47 -7.97
N VAL A 375 -12.89 1.45 -7.73
CA VAL A 375 -12.39 0.13 -7.39
C VAL A 375 -11.74 -0.50 -8.62
N LYS A 376 -12.19 -0.07 -9.81
CA LYS A 376 -11.65 -0.58 -11.07
C LYS A 376 -10.19 -0.19 -11.18
N GLU A 377 -9.86 1.05 -10.80
CA GLU A 377 -8.49 1.50 -10.82
C GLU A 377 -7.70 0.89 -9.64
N LEU A 378 -8.32 0.78 -8.46
CA LEU A 378 -7.69 0.24 -7.27
C LEU A 378 -7.37 -1.25 -7.39
N ALA A 379 -8.12 -1.95 -8.26
CA ALA A 379 -7.95 -3.38 -8.43
C ALA A 379 -8.02 -3.73 -9.91
N SER A 380 -7.29 -2.98 -10.73
CA SER A 380 -7.30 -3.25 -12.17
C SER A 380 -6.76 -4.66 -12.48
N ASP A 381 -5.64 -5.06 -11.85
CA ASP A 381 -5.07 -6.40 -12.02
C ASP A 381 -4.90 -7.09 -10.67
N ASP A 382 -4.51 -8.37 -10.69
CA ASP A 382 -4.32 -9.19 -9.52
C ASP A 382 -3.33 -8.57 -8.53
N LYS A 383 -2.21 -8.05 -9.05
CA LYS A 383 -1.22 -7.37 -8.22
C LYS A 383 -1.92 -6.28 -7.43
N ALA A 384 -2.66 -5.42 -8.16
CA ALA A 384 -3.35 -4.28 -7.55
C ALA A 384 -4.37 -4.78 -6.51
N TYR A 385 -5.08 -5.86 -6.82
CA TYR A 385 -6.08 -6.44 -5.91
C TYR A 385 -5.41 -6.93 -4.62
N ARG A 386 -4.23 -7.58 -4.77
CA ARG A 386 -3.46 -8.04 -3.62
C ARG A 386 -2.92 -6.83 -2.83
N SER A 387 -2.41 -5.82 -3.54
CA SER A 387 -1.92 -4.59 -2.94
C SER A 387 -3.06 -3.92 -2.15
N LEU A 388 -4.29 -3.94 -2.71
CA LEU A 388 -5.44 -3.33 -2.08
C LEU A 388 -5.80 -4.10 -0.81
N THR A 389 -5.69 -5.42 -0.85
CA THR A 389 -6.00 -6.27 0.30
C THR A 389 -5.01 -5.99 1.43
N LEU A 390 -3.75 -5.76 1.06
CA LEU A 390 -2.71 -5.51 2.05
C LEU A 390 -2.97 -4.17 2.73
N SER A 391 -3.34 -3.16 1.94
CA SER A 391 -3.72 -1.88 2.50
C SER A 391 -4.86 -2.05 3.50
N TRP A 392 -5.89 -2.81 3.11
CA TRP A 392 -7.08 -3.00 3.93
C TRP A 392 -6.72 -3.62 5.27
N PHE A 393 -6.12 -4.83 5.20
CA PHE A 393 -5.80 -5.61 6.37
C PHE A 393 -4.94 -4.78 7.34
N LYS A 394 -3.94 -4.07 6.80
CA LYS A 394 -3.02 -3.28 7.62
C LYS A 394 -3.78 -2.25 8.44
N ASN A 395 -4.95 -1.80 7.95
CA ASN A 395 -5.70 -0.76 8.64
C ASN A 395 -7.13 -1.22 8.95
N SER A 396 -7.37 -2.54 9.07
CA SER A 396 -8.71 -3.05 9.23
C SER A 396 -9.06 -3.26 10.70
N PRO A 397 -10.34 -3.12 11.08
CA PRO A 397 -10.83 -3.53 12.40
C PRO A 397 -10.57 -5.00 12.69
N LEU A 398 -10.44 -5.82 11.63
CA LEU A 398 -10.16 -7.23 11.82
C LEU A 398 -8.78 -7.41 12.44
N LEU A 399 -7.80 -6.64 11.97
CA LEU A 399 -6.47 -6.69 12.56
C LEU A 399 -6.54 -6.33 14.05
N GLU A 400 -7.35 -5.35 14.41
CA GLU A 400 -7.55 -4.95 15.80
CA GLU A 400 -7.55 -4.95 15.80
C GLU A 400 -8.22 -6.08 16.60
N ILE A 401 -9.16 -6.79 15.97
CA ILE A 401 -9.77 -7.97 16.56
C ILE A 401 -8.69 -9.02 16.84
N ILE A 402 -7.81 -9.24 15.86
CA ILE A 402 -6.70 -10.18 15.99
C ILE A 402 -5.72 -9.68 17.05
N GLN A 403 -5.41 -8.38 17.04
CA GLN A 403 -4.50 -7.75 18.00
C GLN A 403 -5.07 -7.85 19.42
N GLN A 404 -6.40 -7.87 19.55
CA GLN A 404 -7.05 -8.05 20.83
C GLN A 404 -6.87 -9.49 21.32
N ALA A 405 -7.12 -10.46 20.43
CA ALA A 405 -7.10 -11.88 20.78
C ALA A 405 -5.73 -12.30 21.30
N GLN A 406 -4.66 -11.84 20.65
CA GLN A 406 -3.30 -12.21 21.04
C GLN A 406 -3.06 -11.77 22.50
N LEU A 407 -3.48 -10.55 22.85
CA LEU A 407 -3.36 -10.04 24.21
C LEU A 407 -4.11 -10.95 25.19
N LEU A 408 -5.26 -11.48 24.74
CA LEU A 408 -6.09 -12.34 25.56
C LEU A 408 -5.60 -13.80 25.49
N GLY A 409 -4.50 -14.04 24.76
CA GLY A 409 -3.87 -15.35 24.67
C GLY A 409 -4.72 -16.37 23.90
N PHE A 410 -5.49 -15.87 22.92
CA PHE A 410 -6.33 -16.72 22.07
C PHE A 410 -5.47 -17.36 20.98
N LYS A 411 -5.76 -18.62 20.65
CA LYS A 411 -5.22 -19.23 19.45
C LYS A 411 -6.08 -18.75 18.28
N LEU A 412 -5.47 -18.40 17.14
CA LEU A 412 -6.24 -17.91 16.00
C LEU A 412 -6.37 -19.01 14.95
N ILE A 413 -7.59 -19.22 14.44
CA ILE A 413 -7.81 -20.09 13.29
C ILE A 413 -8.42 -19.23 12.19
N LEU A 414 -7.69 -19.03 11.08
CA LEU A 414 -8.16 -18.17 10.01
C LEU A 414 -8.43 -19.02 8.77
N THR A 415 -9.65 -18.91 8.22
CA THR A 415 -10.02 -19.61 7.00
C THR A 415 -10.99 -18.76 6.17
N THR A 416 -11.45 -19.31 5.05
CA THR A 416 -12.43 -18.68 4.16
C THR A 416 -13.44 -19.75 3.72
N ASP A 417 -14.37 -19.38 2.83
CA ASP A 417 -15.35 -20.32 2.30
C ASP A 417 -15.04 -20.59 0.83
N HIS A 418 -14.46 -19.59 0.15
CA HIS A 418 -14.13 -19.69 -1.26
C HIS A 418 -13.29 -18.50 -1.68
N GLY A 419 -12.83 -18.49 -2.94
CA GLY A 419 -12.09 -17.37 -3.50
C GLY A 419 -12.87 -16.78 -4.66
N THR A 420 -12.22 -16.01 -5.53
CA THR A 420 -12.89 -15.42 -6.69
C THR A 420 -11.88 -15.33 -7.83
N ILE A 421 -12.38 -15.29 -9.08
CA ILE A 421 -11.52 -15.32 -10.24
C ILE A 421 -11.94 -14.18 -11.18
N ASN A 422 -10.97 -13.63 -11.93
CA ASN A 422 -11.26 -12.65 -12.95
C ASN A 422 -11.86 -13.39 -14.13
N VAL A 423 -13.19 -13.33 -14.27
CA VAL A 423 -13.89 -13.90 -15.42
C VAL A 423 -13.61 -13.04 -16.64
N LYS A 424 -13.35 -13.66 -17.79
CA LYS A 424 -13.00 -12.91 -19.00
C LYS A 424 -13.75 -13.42 -20.23
N ASN A 425 -14.22 -14.68 -20.19
CA ASN A 425 -14.83 -15.32 -21.34
C ASN A 425 -16.29 -15.65 -21.03
N PRO A 426 -17.24 -15.28 -21.93
CA PRO A 426 -18.67 -15.51 -21.67
C PRO A 426 -19.19 -16.91 -22.02
N SER A 427 -20.14 -17.41 -21.20
CA SER A 427 -20.82 -18.67 -21.44
C SER A 427 -22.33 -18.45 -21.52
N LYS A 428 -22.91 -18.66 -22.71
CA LYS A 428 -24.31 -18.33 -22.99
C LYS A 428 -25.23 -19.29 -22.22
N VAL A 429 -26.33 -18.75 -21.67
CA VAL A 429 -27.30 -19.54 -20.91
C VAL A 429 -28.71 -19.28 -21.44
N ASN A 438 -25.63 -14.22 -9.62
CA ASN A 438 -24.35 -15.00 -9.53
C ASN A 438 -24.05 -15.62 -10.90
N LEU A 439 -22.77 -15.63 -11.31
CA LEU A 439 -22.40 -15.83 -12.70
C LEU A 439 -21.53 -17.07 -12.91
N ARG A 440 -21.49 -17.95 -11.89
CA ARG A 440 -20.65 -19.13 -11.93
C ARG A 440 -21.44 -20.39 -11.60
N TYR A 441 -22.66 -20.27 -11.06
CA TYR A 441 -23.52 -21.43 -10.85
C TYR A 441 -24.98 -21.08 -11.12
N LYS A 442 -25.75 -22.08 -11.58
CA LYS A 442 -27.15 -21.95 -11.96
C LYS A 442 -27.90 -23.23 -11.55
N THR A 443 -29.23 -23.13 -11.41
CA THR A 443 -30.03 -24.15 -10.73
C THR A 443 -31.32 -24.48 -11.51
N GLY A 444 -31.16 -24.93 -12.76
CA GLY A 444 -32.26 -25.29 -13.66
C GLY A 444 -31.80 -25.28 -15.12
N ARG A 445 -32.39 -26.11 -15.99
CA ARG A 445 -31.72 -26.47 -17.23
C ARG A 445 -32.08 -25.50 -18.37
N SER A 446 -31.06 -25.16 -19.17
CA SER A 446 -31.15 -24.10 -20.17
C SER A 446 -30.73 -24.63 -21.54
N ASP A 453 -17.38 -26.25 -21.82
CA ASP A 453 -17.27 -24.95 -21.11
C ASP A 453 -17.78 -25.07 -19.67
N VAL A 454 -18.53 -26.14 -19.35
CA VAL A 454 -19.32 -26.16 -18.13
C VAL A 454 -19.29 -27.57 -17.54
N TYR A 455 -19.47 -27.66 -16.22
CA TYR A 455 -19.56 -28.95 -15.53
C TYR A 455 -21.03 -29.24 -15.26
N VAL A 456 -21.58 -30.27 -15.92
CA VAL A 456 -23.01 -30.57 -15.85
C VAL A 456 -23.22 -31.67 -14.81
N VAL A 457 -24.20 -31.47 -13.92
CA VAL A 457 -24.54 -32.44 -12.90
C VAL A 457 -26.04 -32.71 -13.00
N LYS A 458 -26.41 -33.80 -13.69
CA LYS A 458 -27.81 -34.09 -13.96
C LYS A 458 -28.55 -34.34 -12.65
N GLU A 459 -27.88 -34.98 -11.68
CA GLU A 459 -28.49 -35.32 -10.40
C GLU A 459 -27.85 -34.46 -9.31
N PRO A 460 -28.40 -33.43 -8.81
CA PRO A 460 -27.94 -32.76 -7.59
C PRO A 460 -27.78 -33.64 -6.40
N LYS A 461 -28.57 -34.72 -6.33
CA LYS A 461 -28.51 -35.70 -5.26
C LYS A 461 -27.10 -36.29 -5.09
N THR A 462 -26.40 -36.56 -6.21
CA THR A 462 -25.14 -37.30 -6.15
C THR A 462 -24.07 -36.46 -5.44
N ILE A 463 -24.04 -35.15 -5.77
CA ILE A 463 -23.07 -34.20 -5.23
C ILE A 463 -23.65 -33.47 -4.01
N GLY A 464 -24.73 -33.99 -3.41
CA GLY A 464 -25.25 -33.52 -2.15
C GLY A 464 -25.85 -32.11 -2.22
N LEU A 465 -26.53 -31.79 -3.32
CA LEU A 465 -27.13 -30.46 -3.51
C LEU A 465 -28.65 -30.55 -3.37
N PHE A 474 -27.72 -28.52 -11.86
CA PHE A 474 -26.68 -27.47 -11.61
C PHE A 474 -25.77 -27.34 -12.82
N ILE A 475 -25.17 -26.15 -12.96
CA ILE A 475 -24.13 -25.90 -13.94
C ILE A 475 -22.97 -25.23 -13.22
N PHE A 476 -21.75 -25.50 -13.69
CA PHE A 476 -20.52 -24.96 -13.12
C PHE A 476 -19.62 -24.41 -14.22
N ALA A 477 -19.41 -23.09 -14.19
CA ALA A 477 -18.43 -22.45 -15.03
C ALA A 477 -17.05 -22.90 -14.57
N LYS A 478 -16.21 -23.27 -15.54
CA LYS A 478 -14.80 -23.53 -15.34
C LYS A 478 -14.03 -22.43 -16.06
N ASN A 479 -12.72 -22.33 -15.86
CA ASN A 479 -11.85 -21.59 -16.76
C ASN A 479 -12.34 -20.16 -17.01
N ASP A 480 -12.41 -19.34 -15.96
CA ASP A 480 -12.66 -17.91 -16.08
C ASP A 480 -13.89 -17.60 -16.95
N PHE A 481 -14.85 -18.54 -17.01
CA PHE A 481 -16.09 -18.33 -17.76
C PHE A 481 -17.12 -17.62 -16.87
N PHE A 482 -17.86 -16.66 -17.44
CA PHE A 482 -19.01 -16.09 -16.74
C PHE A 482 -20.28 -16.46 -17.51
N LEU A 483 -21.23 -17.04 -16.76
CA LEU A 483 -22.49 -17.48 -17.35
C LEU A 483 -23.34 -16.25 -17.67
N ALA A 484 -23.63 -16.04 -18.96
CA ALA A 484 -24.43 -14.90 -19.42
C ALA A 484 -25.76 -15.39 -19.99
N TYR A 485 -26.89 -14.84 -19.50
CA TYR A 485 -28.20 -15.19 -20.03
C TYR A 485 -28.29 -14.77 -21.49
N VAL A 486 -29.03 -15.53 -22.30
CA VAL A 486 -29.07 -15.31 -23.74
C VAL A 486 -29.95 -14.09 -24.05
N ASN A 487 -30.87 -13.76 -23.14
CA ASN A 487 -31.80 -12.67 -23.37
C ASN A 487 -31.04 -11.34 -23.42
N ASN A 488 -30.16 -11.08 -22.44
CA ASN A 488 -29.31 -9.89 -22.41
C ASN A 488 -27.83 -10.27 -22.46
N TYR A 489 -27.41 -10.94 -23.55
CA TYR A 489 -26.06 -11.47 -23.62
C TYR A 489 -25.05 -10.33 -23.72
N ASN A 490 -25.24 -9.44 -24.71
CA ASN A 490 -24.28 -8.38 -24.96
C ASN A 490 -24.01 -7.57 -23.70
N HIS A 491 -25.07 -7.17 -22.99
CA HIS A 491 -24.91 -6.30 -21.83
C HIS A 491 -24.23 -7.05 -20.70
N TYR A 492 -24.58 -8.33 -20.50
CA TYR A 492 -23.94 -9.12 -19.46
C TYR A 492 -22.43 -9.20 -19.72
N VAL A 493 -22.05 -9.38 -20.99
CA VAL A 493 -20.65 -9.51 -21.35
C VAL A 493 -19.92 -8.19 -21.10
N SER A 494 -20.48 -7.08 -21.56
CA SER A 494 -19.84 -5.78 -21.42
C SER A 494 -19.66 -5.38 -19.95
N TYR A 495 -20.63 -5.71 -19.09
CA TYR A 495 -20.62 -5.29 -17.69
C TYR A 495 -19.79 -6.25 -16.84
N TYR A 496 -19.92 -7.58 -17.06
CA TYR A 496 -19.30 -8.56 -16.18
C TYR A 496 -17.95 -9.07 -16.72
N LYS A 497 -17.50 -8.55 -17.86
CA LYS A 497 -16.17 -8.88 -18.35
C LYS A 497 -15.14 -8.30 -17.38
N ASN A 498 -14.11 -9.09 -17.04
CA ASN A 498 -13.00 -8.68 -16.18
C ASN A 498 -13.54 -8.22 -14.83
N THR A 499 -14.41 -9.03 -14.22
CA THR A 499 -14.97 -8.78 -12.89
C THR A 499 -14.78 -10.05 -12.04
N TYR A 500 -14.60 -9.89 -10.73
CA TYR A 500 -14.36 -11.00 -9.83
C TYR A 500 -15.67 -11.70 -9.51
N GLN A 501 -15.77 -13.00 -9.87
CA GLN A 501 -16.99 -13.77 -9.69
C GLN A 501 -16.66 -15.09 -9.02
N HIS A 502 -17.55 -15.58 -8.15
CA HIS A 502 -17.34 -16.81 -7.40
C HIS A 502 -18.55 -17.75 -7.54
N GLY A 503 -18.37 -19.01 -7.17
CA GLY A 503 -19.44 -19.99 -7.28
C GLY A 503 -19.13 -21.14 -8.24
N GLY A 504 -17.94 -21.15 -8.84
CA GLY A 504 -17.59 -22.11 -9.87
C GLY A 504 -16.32 -22.86 -9.51
N ILE A 505 -15.70 -23.52 -10.49
CA ILE A 505 -14.53 -24.37 -10.25
C ILE A 505 -13.28 -23.66 -10.78
N SER A 506 -12.34 -23.37 -9.87
CA SER A 506 -11.04 -22.82 -10.22
C SER A 506 -10.15 -22.96 -8.99
N LEU A 507 -8.83 -23.05 -9.22
CA LEU A 507 -7.87 -23.09 -8.12
C LEU A 507 -8.11 -21.87 -7.23
N GLU A 508 -8.29 -20.70 -7.86
CA GLU A 508 -8.46 -19.45 -7.14
C GLU A 508 -9.68 -19.54 -6.20
N GLU A 509 -10.71 -20.32 -6.57
CA GLU A 509 -11.95 -20.39 -5.83
C GLU A 509 -11.99 -21.61 -4.89
N MET A 510 -11.62 -22.81 -5.38
CA MET A 510 -11.79 -24.05 -4.64
C MET A 510 -10.68 -24.26 -3.62
N ILE A 511 -9.40 -24.09 -4.02
CA ILE A 511 -8.29 -24.32 -3.10
C ILE A 511 -8.11 -23.07 -2.25
N ILE A 512 -8.48 -23.17 -0.97
CA ILE A 512 -8.54 -22.05 -0.04
C ILE A 512 -7.79 -22.44 1.23
N PRO A 513 -7.21 -21.47 1.98
CA PRO A 513 -6.35 -21.76 3.13
C PRO A 513 -7.02 -21.98 4.49
N PHE A 514 -6.53 -22.98 5.24
CA PHE A 514 -6.91 -23.16 6.62
C PHE A 514 -5.66 -22.96 7.46
N LEU A 515 -5.70 -22.02 8.41
CA LEU A 515 -4.52 -21.67 9.17
C LEU A 515 -4.85 -21.69 10.67
N VAL A 516 -3.97 -22.30 11.48
CA VAL A 516 -4.05 -22.24 12.92
C VAL A 516 -2.79 -21.56 13.44
N PHE A 517 -2.94 -20.57 14.33
CA PHE A 517 -1.82 -19.80 14.82
C PHE A 517 -1.83 -19.77 16.35
N ASN A 518 -0.66 -20.01 16.98
CA ASN A 518 -0.53 -19.86 18.42
C ASN A 518 -0.06 -18.43 18.70
N PRO A 519 -0.64 -17.71 19.71
CA PRO A 519 -0.35 -16.30 19.95
C PRO A 519 1.11 -16.01 20.21
N LYS A 520 1.60 -14.86 19.73
CA LYS A 520 2.96 -14.43 20.02
C LYS A 520 2.93 -13.47 21.22
N ASP B 5 13.04 -17.38 24.36
CA ASP B 5 13.45 -17.90 23.02
C ASP B 5 14.76 -17.23 22.60
N LYS B 6 15.79 -18.03 22.28
CA LYS B 6 17.03 -17.51 21.74
C LYS B 6 16.94 -17.57 20.22
N ILE B 7 17.61 -16.63 19.53
CA ILE B 7 17.58 -16.58 18.07
C ILE B 7 18.43 -17.72 17.52
N ARG B 8 17.83 -18.56 16.65
CA ARG B 8 18.51 -19.72 16.06
C ARG B 8 19.09 -19.35 14.69
N ILE B 9 20.42 -19.45 14.56
CA ILE B 9 21.13 -19.11 13.33
C ILE B 9 21.61 -20.39 12.65
N LEU B 10 21.46 -20.48 11.33
CA LEU B 10 22.05 -21.57 10.57
C LEU B 10 23.20 -21.02 9.74
N TRP B 11 24.45 -21.38 10.11
CA TRP B 11 25.62 -20.87 9.40
C TRP B 11 26.24 -21.97 8.54
N VAL B 12 26.26 -21.77 7.22
CA VAL B 12 26.76 -22.77 6.29
C VAL B 12 28.07 -22.27 5.67
N ASP B 13 29.16 -23.02 5.88
CA ASP B 13 30.45 -22.67 5.33
C ASP B 13 31.30 -23.94 5.26
N ASP B 14 32.11 -24.08 4.20
CA ASP B 14 33.02 -25.20 4.05
C ASP B 14 34.11 -25.12 5.12
N GLU B 15 34.48 -23.90 5.54
CA GLU B 15 35.52 -23.70 6.54
C GLU B 15 34.92 -23.27 7.88
N ILE B 16 33.80 -23.87 8.29
CA ILE B 16 33.06 -23.42 9.46
C ILE B 16 33.87 -23.66 10.74
N ASP B 17 34.82 -24.61 10.70
CA ASP B 17 35.65 -24.92 11.84
C ASP B 17 36.59 -23.75 12.15
N LEU B 18 36.82 -22.89 11.15
CA LEU B 18 37.74 -21.76 11.25
C LEU B 18 37.04 -20.54 11.82
N LEU B 19 35.71 -20.54 11.90
CA LEU B 19 34.94 -19.34 12.24
C LEU B 19 34.39 -19.46 13.66
N LYS B 20 34.97 -20.34 14.48
CA LYS B 20 34.44 -20.63 15.81
C LYS B 20 34.53 -19.39 16.71
N PRO B 21 35.59 -18.56 16.64
CA PRO B 21 35.62 -17.27 17.34
C PRO B 21 34.32 -16.49 17.20
N HIS B 22 33.87 -16.30 15.95
CA HIS B 22 32.64 -15.58 15.66
C HIS B 22 31.46 -16.28 16.32
N ILE B 23 31.44 -17.62 16.25
CA ILE B 23 30.34 -18.38 16.81
C ILE B 23 30.31 -18.18 18.33
N LEU B 24 31.48 -18.25 18.98
CA LEU B 24 31.61 -18.02 20.40
C LEU B 24 31.14 -16.61 20.78
N PHE B 25 31.44 -15.62 19.92
CA PHE B 25 30.97 -14.25 20.13
C PHE B 25 29.44 -14.21 20.17
N LEU B 26 28.81 -14.78 19.16
CA LEU B 26 27.37 -14.76 19.07
C LEU B 26 26.77 -15.55 20.24
N GLU B 27 27.48 -16.60 20.69
CA GLU B 27 27.01 -17.47 21.76
C GLU B 27 26.78 -16.65 23.04
N LYS B 28 27.76 -15.80 23.38
CA LYS B 28 27.67 -14.97 24.58
C LYS B 28 26.55 -13.94 24.41
N LYS B 29 26.24 -13.57 23.15
CA LYS B 29 25.17 -12.63 22.86
C LYS B 29 23.82 -13.35 22.88
N ASN B 30 23.79 -14.60 23.34
CA ASN B 30 22.59 -15.40 23.46
C ASN B 30 22.02 -15.72 22.08
N TYR B 31 22.90 -15.92 21.10
CA TYR B 31 22.52 -16.36 19.77
C TYR B 31 22.98 -17.81 19.59
N GLU B 32 22.04 -18.67 19.21
CA GLU B 32 22.30 -20.10 19.03
C GLU B 32 22.65 -20.34 17.56
N VAL B 33 23.84 -20.89 17.30
CA VAL B 33 24.30 -21.11 15.94
C VAL B 33 24.38 -22.62 15.64
N THR B 34 23.63 -23.12 14.66
CA THR B 34 23.86 -24.47 14.16
C THR B 34 24.72 -24.41 12.90
N THR B 35 25.76 -25.25 12.80
CA THR B 35 26.70 -25.17 11.68
C THR B 35 26.48 -26.31 10.66
N SER B 36 26.85 -26.04 9.41
CA SER B 36 26.90 -27.01 8.34
C SER B 36 28.09 -26.72 7.43
N ASN B 37 28.59 -27.77 6.77
CA ASN B 37 29.74 -27.66 5.87
C ASN B 37 29.31 -27.77 4.40
N ASN B 38 28.12 -28.32 4.12
CA ASN B 38 27.63 -28.45 2.76
C ASN B 38 26.21 -27.89 2.65
N GLY B 39 25.83 -27.43 1.46
CA GLY B 39 24.48 -26.92 1.22
C GLY B 39 23.38 -27.95 1.48
N LEU B 40 23.68 -29.22 1.15
CA LEU B 40 22.69 -30.27 1.25
C LEU B 40 22.35 -30.52 2.72
N ASP B 41 23.37 -30.49 3.60
CA ASP B 41 23.15 -30.60 5.05
C ASP B 41 22.29 -29.44 5.53
N ALA B 42 22.61 -28.25 5.02
CA ALA B 42 21.92 -27.03 5.41
C ALA B 42 20.45 -27.10 5.02
N ILE B 43 20.14 -27.53 3.79
CA ILE B 43 18.75 -27.65 3.38
C ILE B 43 18.04 -28.63 4.32
N ALA B 44 18.70 -29.75 4.63
CA ALA B 44 18.16 -30.75 5.53
C ALA B 44 17.93 -30.16 6.91
N LEU B 45 18.89 -29.33 7.38
CA LEU B 45 18.75 -28.62 8.65
C LEU B 45 17.59 -27.63 8.57
N PHE B 46 17.52 -26.92 7.44
CA PHE B 46 16.53 -25.87 7.24
C PHE B 46 15.13 -26.49 7.22
N GLU B 47 14.98 -27.65 6.54
CA GLU B 47 13.66 -28.28 6.43
C GLU B 47 13.22 -28.85 7.77
N GLU B 48 14.12 -29.59 8.44
CA GLU B 48 13.79 -30.21 9.72
C GLU B 48 13.53 -29.18 10.81
N GLU B 49 14.43 -28.19 10.96
CA GLU B 49 14.41 -27.30 12.12
C GLU B 49 14.01 -25.88 11.68
N ASN B 50 13.49 -25.10 12.63
CA ASN B 50 12.95 -23.78 12.36
C ASN B 50 13.94 -22.72 12.83
N PHE B 51 14.69 -22.15 11.88
CA PHE B 51 15.71 -21.16 12.16
C PHE B 51 15.12 -19.76 11.98
N ASP B 52 15.75 -18.76 12.58
CA ASP B 52 15.32 -17.38 12.44
C ASP B 52 16.08 -16.71 11.28
N ILE B 53 17.36 -17.07 11.12
CA ILE B 53 18.22 -16.45 10.13
C ILE B 53 19.22 -17.49 9.66
N VAL B 54 19.81 -17.26 8.45
CA VAL B 54 20.75 -18.17 7.83
C VAL B 54 21.96 -17.39 7.31
N PHE B 55 23.17 -17.87 7.62
CA PHE B 55 24.39 -17.33 7.03
C PHE B 55 24.92 -18.35 6.01
N LEU B 56 25.33 -17.88 4.84
CA LEU B 56 25.78 -18.78 3.79
C LEU B 56 27.06 -18.25 3.14
N ASP B 57 28.05 -19.14 2.96
CA ASP B 57 29.19 -18.82 2.12
C ASP B 57 28.80 -19.06 0.66
N GLU B 58 29.42 -18.36 -0.30
CA GLU B 58 29.16 -18.63 -1.71
C GLU B 58 30.00 -19.81 -2.19
N ASN B 59 31.34 -19.65 -2.23
CA ASN B 59 32.22 -20.68 -2.76
C ASN B 59 32.33 -21.83 -1.77
N MET B 60 31.50 -22.86 -1.99
CA MET B 60 31.48 -24.03 -1.13
C MET B 60 31.55 -25.27 -2.02
N PRO B 61 32.46 -26.23 -1.72
CA PRO B 61 32.43 -27.55 -2.37
C PRO B 61 31.03 -28.13 -2.25
N GLY B 62 30.43 -28.48 -3.39
CA GLY B 62 29.07 -28.99 -3.43
C GLY B 62 28.10 -27.94 -3.96
N MET B 63 26.97 -27.75 -3.26
CA MET B 63 26.04 -26.69 -3.64
C MET B 63 26.59 -25.34 -3.19
N SER B 64 26.47 -24.33 -4.05
CA SER B 64 26.94 -22.98 -3.73
C SER B 64 25.91 -22.35 -2.78
N GLY B 65 26.31 -21.25 -2.12
CA GLY B 65 25.43 -20.55 -1.21
C GLY B 65 24.15 -20.09 -1.88
N LEU B 66 24.30 -19.57 -3.11
CA LEU B 66 23.18 -19.02 -3.82
C LEU B 66 22.19 -20.13 -4.19
N GLU B 67 22.74 -21.31 -4.57
CA GLU B 67 21.91 -22.46 -4.90
C GLU B 67 21.16 -22.89 -3.65
N THR B 68 21.88 -22.94 -2.50
CA THR B 68 21.27 -23.34 -1.24
C THR B 68 20.20 -22.35 -0.81
N LEU B 69 20.45 -21.05 -1.04
CA LEU B 69 19.51 -19.99 -0.71
C LEU B 69 18.20 -20.21 -1.47
N SER B 70 18.33 -20.41 -2.80
CA SER B 70 17.16 -20.55 -3.64
C SER B 70 16.28 -21.69 -3.12
N GLU B 71 16.88 -22.84 -2.83
CA GLU B 71 16.17 -24.01 -2.34
C GLU B 71 15.42 -23.66 -1.04
N MET B 72 16.14 -22.98 -0.12
CA MET B 72 15.58 -22.64 1.17
C MET B 72 14.44 -21.63 1.03
N LYS B 73 14.60 -20.63 0.12
CA LYS B 73 13.60 -19.58 -0.05
C LYS B 73 12.30 -20.14 -0.60
N GLU B 74 12.40 -21.20 -1.41
CA GLU B 74 11.24 -21.90 -1.93
C GLU B 74 10.43 -22.50 -0.78
N LYS B 75 11.14 -22.99 0.25
CA LYS B 75 10.50 -23.64 1.40
C LYS B 75 9.99 -22.60 2.40
N LYS B 76 10.84 -21.64 2.77
CA LYS B 76 10.48 -20.62 3.76
C LYS B 76 10.98 -19.25 3.31
N SER B 77 10.15 -18.51 2.57
CA SER B 77 10.57 -17.27 1.92
C SER B 77 10.77 -16.13 2.93
N ALA B 78 10.17 -16.29 4.11
CA ALA B 78 10.21 -15.27 5.16
C ALA B 78 11.57 -15.18 5.82
N ILE B 79 12.34 -16.29 5.88
CA ILE B 79 13.56 -16.33 6.66
C ILE B 79 14.61 -15.46 5.98
N PRO B 80 15.20 -14.47 6.71
CA PRO B 80 16.29 -13.66 6.16
C PRO B 80 17.57 -14.48 6.00
N MET B 81 18.27 -14.29 4.89
CA MET B 81 19.49 -15.00 4.59
C MET B 81 20.59 -13.97 4.34
N ILE B 82 21.75 -14.13 5.01
CA ILE B 82 22.87 -13.22 4.85
C ILE B 82 24.04 -14.00 4.29
N MET B 83 24.82 -13.37 3.40
CA MET B 83 25.95 -14.02 2.78
C MET B 83 27.25 -13.53 3.43
N ILE B 84 28.06 -14.47 3.93
CA ILE B 84 29.36 -14.17 4.49
C ILE B 84 30.42 -14.91 3.68
N THR B 85 31.15 -14.18 2.81
CA THR B 85 32.06 -14.81 1.87
C THR B 85 33.29 -13.94 1.64
N LYS B 86 34.33 -14.53 1.06
CA LYS B 86 35.53 -13.79 0.68
C LYS B 86 35.37 -13.22 -0.73
N SER B 87 34.45 -13.74 -1.51
CA SER B 87 34.25 -13.28 -2.88
C SER B 87 33.99 -11.78 -2.90
N GLU B 88 34.82 -11.03 -3.66
CA GLU B 88 34.69 -9.59 -3.79
C GLU B 88 34.24 -9.23 -5.20
N GLU B 89 33.93 -10.26 -6.01
CA GLU B 89 33.55 -10.05 -7.40
C GLU B 89 32.27 -9.22 -7.46
N GLU B 90 32.26 -8.17 -8.30
CA GLU B 90 31.09 -7.31 -8.41
C GLU B 90 29.89 -8.13 -8.91
N TYR B 91 30.17 -9.09 -9.79
CA TYR B 91 29.11 -9.87 -10.43
C TYR B 91 28.44 -10.82 -9.42
N ILE B 92 29.22 -11.38 -8.49
CA ILE B 92 28.65 -12.26 -7.49
C ILE B 92 27.79 -11.47 -6.50
N MET B 93 28.26 -10.26 -6.16
CA MET B 93 27.54 -9.35 -5.30
C MET B 93 26.16 -9.13 -5.90
N GLU B 94 26.12 -8.84 -7.21
CA GLU B 94 24.90 -8.44 -7.87
C GLU B 94 23.90 -9.59 -7.90
N GLU B 95 24.40 -10.81 -8.10
CA GLU B 95 23.55 -11.98 -8.20
C GLU B 95 22.85 -12.23 -6.86
N ALA B 96 23.62 -12.07 -5.76
CA ALA B 96 23.05 -12.29 -4.44
C ALA B 96 22.07 -11.19 -4.07
N ILE B 97 22.38 -9.94 -4.41
CA ILE B 97 21.47 -8.82 -4.16
C ILE B 97 20.17 -9.05 -4.91
N GLY B 98 20.28 -9.49 -6.17
CA GLY B 98 19.12 -9.85 -6.99
C GLY B 98 18.41 -11.08 -6.45
N SER B 99 19.13 -11.97 -5.74
CA SER B 99 18.54 -13.13 -5.07
C SER B 99 17.90 -12.75 -3.73
N LYS B 100 17.80 -11.43 -3.44
CA LYS B 100 17.12 -10.89 -2.28
C LYS B 100 17.86 -11.32 -1.01
N ILE B 101 19.19 -11.16 -1.01
CA ILE B 101 19.99 -11.35 0.19
C ILE B 101 19.69 -10.20 1.16
N ALA B 102 19.68 -10.50 2.46
CA ALA B 102 19.37 -9.52 3.49
C ALA B 102 20.62 -8.71 3.81
N ASP B 103 21.81 -9.30 3.67
CA ASP B 103 23.08 -8.56 3.78
C ASP B 103 24.18 -9.40 3.15
N TYR B 104 25.34 -8.77 2.85
CA TYR B 104 26.50 -9.44 2.25
C TYR B 104 27.77 -8.95 2.92
N LEU B 105 28.37 -9.80 3.76
CA LEU B 105 29.54 -9.44 4.54
C LEU B 105 30.77 -10.12 3.95
N ILE B 106 31.79 -9.31 3.59
CA ILE B 106 33.02 -9.80 2.99
C ILE B 106 33.98 -10.22 4.11
N LYS B 107 34.57 -11.43 4.00
CA LYS B 107 35.51 -11.92 4.99
C LYS B 107 36.88 -11.27 4.77
N PRO B 108 37.79 -11.22 5.77
CA PRO B 108 37.44 -11.52 7.17
C PRO B 108 36.48 -10.50 7.75
N VAL B 109 35.51 -10.97 8.56
CA VAL B 109 34.43 -10.12 9.03
C VAL B 109 34.66 -9.78 10.50
N ASN B 110 34.41 -8.51 10.87
CA ASN B 110 34.41 -8.13 12.28
C ASN B 110 33.20 -8.77 12.93
N PRO B 111 33.35 -9.51 14.04
CA PRO B 111 32.21 -10.26 14.59
C PRO B 111 31.02 -9.36 14.90
N ASN B 112 31.30 -8.09 15.24
CA ASN B 112 30.26 -7.13 15.59
C ASN B 112 29.51 -6.67 14.34
N GLN B 113 30.17 -6.71 13.17
CA GLN B 113 29.48 -6.45 11.91
C GLN B 113 28.37 -7.49 11.71
N ILE B 114 28.64 -8.74 12.06
CA ILE B 114 27.62 -9.78 11.97
C ILE B 114 26.50 -9.46 12.96
N LEU B 115 26.86 -8.89 14.11
CA LEU B 115 25.91 -8.48 15.12
C LEU B 115 25.06 -7.34 14.58
N LEU B 116 25.69 -6.42 13.87
CA LEU B 116 24.97 -5.31 13.24
C LEU B 116 23.91 -5.86 12.30
N SER B 117 24.30 -6.83 11.45
CA SER B 117 23.39 -7.46 10.49
C SER B 117 22.30 -8.24 11.20
N LEU B 118 22.61 -8.88 12.32
CA LEU B 118 21.60 -9.60 13.09
C LEU B 118 20.56 -8.63 13.64
N LYS B 119 21.01 -7.53 14.26
CA LYS B 119 20.11 -6.52 14.80
C LYS B 119 19.26 -5.90 13.70
N LYS B 120 19.96 -5.47 12.63
CA LYS B 120 19.32 -4.75 11.55
C LYS B 120 18.27 -5.62 10.86
N ASN B 121 18.53 -6.93 10.72
CA ASN B 121 17.65 -7.77 9.93
C ASN B 121 16.64 -8.52 10.81
N LEU B 122 16.77 -8.42 12.13
CA LEU B 122 15.89 -9.17 13.03
C LEU B 122 15.13 -8.29 14.03
N ASP B 123 15.65 -7.12 14.40
CA ASP B 123 15.00 -6.31 15.41
C ASP B 123 14.70 -4.89 14.93
N ASP B 124 14.90 -4.60 13.64
CA ASP B 124 14.78 -3.24 13.12
C ASP B 124 13.41 -2.65 13.42
N SER B 125 12.32 -3.38 13.12
CA SER B 125 10.99 -2.82 13.27
C SER B 125 10.74 -2.38 14.71
N ARG B 126 11.22 -3.17 15.67
CA ARG B 126 11.03 -2.87 17.08
C ARG B 126 11.85 -1.64 17.47
N LEU B 127 13.10 -1.58 17.01
CA LEU B 127 13.98 -0.47 17.32
C LEU B 127 13.39 0.84 16.81
N ILE B 128 12.84 0.83 15.59
CA ILE B 128 12.24 2.01 14.98
C ILE B 128 11.05 2.44 15.81
N THR B 129 10.20 1.49 16.20
CA THR B 129 9.05 1.76 17.05
C THR B 129 9.50 2.44 18.34
N GLU B 130 10.52 1.85 18.99
CA GLU B 130 11.04 2.34 20.25
C GLU B 130 11.60 3.75 20.08
N LYS B 131 12.47 3.93 19.08
CA LYS B 131 13.10 5.21 18.85
C LYS B 131 12.03 6.27 18.55
N THR B 132 11.08 5.93 17.68
CA THR B 132 10.10 6.91 17.25
C THR B 132 9.29 7.37 18.46
N THR B 133 8.84 6.40 19.29
CA THR B 133 8.03 6.70 20.47
C THR B 133 8.79 7.66 21.39
N LEU B 134 10.07 7.37 21.64
CA LEU B 134 10.88 8.16 22.55
C LEU B 134 11.18 9.54 21.96
N ASP B 135 11.62 9.59 20.70
CA ASP B 135 12.01 10.84 20.08
C ASP B 135 10.85 11.82 20.02
N TYR B 136 9.63 11.32 19.81
CA TYR B 136 8.44 12.17 19.81
C TYR B 136 8.16 12.72 21.20
N GLN B 137 8.25 11.87 22.23
CA GLN B 137 8.05 12.28 23.62
C GLN B 137 8.95 13.46 23.97
N LYS B 138 10.07 13.60 23.26
CA LYS B 138 11.06 14.64 23.51
C LYS B 138 10.90 15.78 22.52
N GLU B 139 9.83 15.73 21.69
CA GLU B 139 9.63 16.71 20.63
C GLU B 139 8.24 17.34 20.72
N PHE B 140 7.25 16.64 21.27
CA PHE B 140 5.86 17.07 21.16
C PHE B 140 5.64 18.37 21.92
N ARG B 141 6.31 18.55 23.07
CA ARG B 141 6.23 19.81 23.81
C ARG B 141 6.72 20.95 22.94
N LYS B 142 7.85 20.71 22.25
CA LYS B 142 8.45 21.69 21.37
C LYS B 142 7.53 21.98 20.18
N ILE B 143 6.80 20.95 19.72
CA ILE B 143 5.86 21.11 18.61
C ILE B 143 4.77 22.08 19.02
N SER B 144 4.17 21.85 20.20
CA SER B 144 3.14 22.73 20.74
C SER B 144 3.63 24.18 20.80
N MET B 145 4.85 24.37 21.32
CA MET B 145 5.46 25.68 21.47
C MET B 145 5.54 26.39 20.12
N GLU B 146 6.11 25.70 19.12
CA GLU B 146 6.36 26.30 17.82
C GLU B 146 5.05 26.78 17.19
N LEU B 147 4.00 25.98 17.37
CA LEU B 147 2.70 26.26 16.76
C LEU B 147 2.14 27.59 17.30
N ALA B 148 2.32 27.84 18.61
CA ALA B 148 1.81 29.06 19.23
C ALA B 148 2.65 30.28 18.81
N MET B 149 3.84 30.04 18.25
CA MET B 149 4.74 31.10 17.85
C MET B 149 4.59 31.44 16.36
N VAL B 150 3.90 30.60 15.58
CA VAL B 150 3.85 30.75 14.13
C VAL B 150 3.27 32.13 13.78
N ASN B 151 3.89 32.86 12.83
CA ASN B 151 3.43 34.20 12.49
C ASN B 151 3.52 34.51 10.99
N SER B 152 4.03 33.57 10.18
CA SER B 152 4.22 33.78 8.75
C SER B 152 3.76 32.54 7.98
N TYR B 153 3.51 32.70 6.66
CA TYR B 153 3.15 31.57 5.81
C TYR B 153 4.33 30.62 5.65
N GLU B 154 5.56 31.16 5.67
CA GLU B 154 6.75 30.35 5.61
C GLU B 154 6.85 29.52 6.89
N ASP B 155 6.51 30.13 8.03
CA ASP B 155 6.54 29.42 9.30
C ASP B 155 5.47 28.33 9.32
N TRP B 156 4.32 28.61 8.69
CA TRP B 156 3.26 27.62 8.54
C TRP B 156 3.72 26.45 7.67
N VAL B 157 4.46 26.74 6.60
CA VAL B 157 4.96 25.70 5.72
C VAL B 157 5.94 24.80 6.48
N GLU B 158 6.80 25.41 7.31
CA GLU B 158 7.80 24.66 8.07
C GLU B 158 7.11 23.79 9.11
N LEU B 159 6.06 24.32 9.76
CA LEU B 159 5.44 23.58 10.84
C LEU B 159 4.62 22.43 10.26
N TYR B 160 4.04 22.66 9.08
CA TYR B 160 3.31 21.61 8.39
C TYR B 160 4.28 20.49 8.05
N LYS B 161 5.48 20.83 7.57
CA LYS B 161 6.49 19.84 7.25
C LYS B 161 6.80 18.99 8.47
N LYS B 162 6.93 19.64 9.63
CA LYS B 162 7.23 18.93 10.86
C LYS B 162 6.07 18.00 11.20
N LEU B 163 4.85 18.52 11.17
CA LEU B 163 3.66 17.74 11.49
C LEU B 163 3.53 16.52 10.57
N LEU B 164 3.83 16.71 9.28
CA LEU B 164 3.75 15.64 8.30
C LEU B 164 4.79 14.56 8.58
N PHE B 165 6.00 15.00 8.95
CA PHE B 165 7.11 14.12 9.27
C PHE B 165 6.70 13.15 10.37
N TRP B 166 6.15 13.70 11.46
CA TRP B 166 5.79 12.91 12.62
C TRP B 166 4.56 12.03 12.36
N GLU B 167 3.65 12.51 11.51
CA GLU B 167 2.44 11.78 11.15
C GLU B 167 2.81 10.41 10.56
N LEU B 168 3.68 10.41 9.56
CA LEU B 168 4.06 9.18 8.88
C LEU B 168 5.02 8.34 9.72
N LYS B 169 5.75 8.98 10.65
CA LYS B 169 6.64 8.28 11.57
C LYS B 169 5.84 7.55 12.65
N LEU B 170 4.71 8.13 13.08
CA LEU B 170 3.93 7.57 14.17
C LEU B 170 2.93 6.54 13.66
N GLU B 171 2.85 6.33 12.35
CA GLU B 171 2.03 5.25 11.82
C GLU B 171 2.75 3.91 11.96
N ASP B 172 4.03 3.88 12.35
CA ASP B 172 4.69 2.63 12.74
C ASP B 172 4.83 2.54 14.27
N ILE B 173 3.88 3.15 14.99
CA ILE B 173 3.85 3.19 16.46
C ILE B 173 2.58 2.51 16.96
N ASN B 174 2.60 2.04 18.21
CA ASN B 174 1.46 1.36 18.81
C ASN B 174 0.83 2.23 19.90
N ASP B 175 1.60 3.16 20.48
CA ASP B 175 1.14 4.01 21.57
C ASP B 175 0.10 5.02 21.07
N GLN B 176 -1.17 4.78 21.41
CA GLN B 176 -2.28 5.61 21.00
C GLN B 176 -2.20 7.01 21.65
N ALA B 177 -1.61 7.07 22.85
CA ALA B 177 -1.51 8.31 23.59
C ALA B 177 -0.80 9.37 22.74
N MET B 178 0.37 9.00 22.19
CA MET B 178 1.19 9.91 21.40
C MET B 178 0.43 10.32 20.14
N ILE B 179 -0.34 9.38 19.57
CA ILE B 179 -1.10 9.62 18.35
C ILE B 179 -2.15 10.69 18.64
N GLU B 180 -2.87 10.55 19.77
CA GLU B 180 -3.88 11.50 20.17
C GLU B 180 -3.25 12.88 20.41
N ILE B 181 -2.03 12.90 20.97
CA ILE B 181 -1.30 14.15 21.12
C ILE B 181 -1.08 14.78 19.75
N LEU B 182 -0.59 14.00 18.78
CA LEU B 182 -0.27 14.52 17.47
C LEU B 182 -1.56 15.02 16.80
N GLU B 183 -2.65 14.26 16.93
CA GLU B 183 -3.93 14.69 16.36
C GLU B 183 -4.35 16.03 16.98
N SER B 184 -4.16 16.19 18.30
CA SER B 184 -4.48 17.43 18.99
C SER B 184 -3.68 18.61 18.41
N GLN B 185 -2.39 18.40 18.14
CA GLN B 185 -1.52 19.43 17.59
C GLN B 185 -1.94 19.78 16.16
N LYS B 186 -2.33 18.78 15.39
CA LYS B 186 -2.82 19.00 14.04
C LYS B 186 -4.11 19.82 14.07
N VAL B 187 -4.99 19.54 15.06
CA VAL B 187 -6.23 20.30 15.22
C VAL B 187 -5.91 21.76 15.53
N GLU B 188 -5.08 21.97 16.55
CA GLU B 188 -4.71 23.32 16.96
C GLU B 188 -4.08 24.05 15.79
N ALA B 189 -3.30 23.32 14.99
CA ALA B 189 -2.65 23.90 13.83
C ALA B 189 -3.67 24.52 12.87
N ASN B 190 -4.70 23.75 12.46
CA ASN B 190 -5.71 24.24 11.53
C ASN B 190 -6.48 25.41 12.15
N SER B 191 -6.80 25.29 13.46
CA SER B 191 -7.47 26.36 14.17
C SER B 191 -6.69 27.67 14.02
N GLN B 192 -5.40 27.63 14.34
CA GLN B 192 -4.55 28.82 14.30
C GLN B 192 -4.35 29.27 12.86
N PHE B 193 -4.18 28.30 11.94
CA PHE B 193 -3.90 28.60 10.54
C PHE B 193 -5.08 29.35 9.93
N GLY B 194 -6.29 28.89 10.22
CA GLY B 194 -7.48 29.52 9.65
C GLY B 194 -7.61 30.97 10.09
N LYS B 195 -7.32 31.23 11.36
CA LYS B 195 -7.30 32.60 11.88
C LYS B 195 -6.23 33.41 11.14
N TYR B 196 -5.06 32.82 10.92
CA TYR B 196 -4.00 33.49 10.17
C TYR B 196 -4.49 33.88 8.76
N ILE B 197 -5.12 32.94 8.04
CA ILE B 197 -5.64 33.18 6.71
C ILE B 197 -6.76 34.22 6.78
N GLU B 198 -7.64 34.07 7.79
CA GLU B 198 -8.74 34.99 7.99
C GLU B 198 -8.22 36.41 8.19
N ARG B 199 -6.98 36.53 8.71
CA ARG B 199 -6.36 37.82 9.00
C ARG B 199 -5.48 38.33 7.85
N ASN B 200 -5.01 37.45 6.95
CA ASN B 200 -4.03 37.84 5.95
C ASN B 200 -4.51 37.67 4.51
N TYR B 201 -5.55 36.85 4.27
CA TYR B 201 -5.83 36.41 2.90
C TYR B 201 -6.07 37.61 1.99
N GLU B 202 -6.89 38.56 2.46
CA GLU B 202 -7.28 39.71 1.67
C GLU B 202 -6.07 40.59 1.38
N ASP B 203 -5.27 40.85 2.42
CA ASP B 203 -4.17 41.78 2.32
C ASP B 203 -3.16 41.28 1.28
N TRP B 204 -3.08 39.96 1.07
CA TRP B 204 -2.15 39.41 0.10
C TRP B 204 -2.41 39.95 -1.32
N PHE B 205 -3.64 40.41 -1.59
CA PHE B 205 -3.99 40.95 -2.89
C PHE B 205 -3.74 42.45 -2.99
N ALA B 206 -3.26 43.09 -1.90
CA ALA B 206 -2.77 44.45 -1.98
C ALA B 206 -1.51 44.49 -2.84
N PRO B 207 -1.37 45.43 -3.81
CA PRO B 207 -0.16 45.49 -4.63
C PRO B 207 1.13 45.39 -3.82
N LYS B 208 1.94 44.37 -4.13
CA LYS B 208 3.33 44.25 -3.69
C LYS B 208 3.44 43.74 -2.25
N ALA B 209 2.33 43.64 -1.51
CA ALA B 209 2.37 43.09 -0.17
C ALA B 209 2.81 41.63 -0.26
N ASP B 210 3.78 41.25 0.59
CA ASP B 210 4.43 39.95 0.48
C ASP B 210 3.37 38.84 0.55
N LYS B 211 3.23 38.10 -0.55
CA LYS B 211 2.30 36.99 -0.65
C LYS B 211 3.09 35.74 -1.00
N PRO B 212 2.56 34.54 -0.68
CA PRO B 212 3.15 33.29 -1.17
C PRO B 212 2.85 33.06 -2.66
N ILE B 213 3.48 32.03 -3.26
CA ILE B 213 3.05 31.52 -4.56
C ILE B 213 1.65 30.92 -4.39
N GLN B 214 0.74 31.27 -5.32
CA GLN B 214 -0.65 30.86 -5.24
C GLN B 214 -1.06 30.28 -6.61
N SER B 215 -2.33 29.82 -6.68
CA SER B 215 -2.86 29.07 -7.81
C SER B 215 -2.66 29.82 -9.13
N HIS B 216 -3.11 31.09 -9.15
CA HIS B 216 -3.10 31.89 -10.37
C HIS B 216 -1.67 32.27 -10.77
N ASN B 217 -0.70 32.04 -9.87
CA ASN B 217 0.68 32.44 -10.10
C ASN B 217 1.51 31.26 -10.63
N LEU B 218 1.03 30.02 -10.49
CA LEU B 218 1.94 28.89 -10.56
C LEU B 218 2.69 28.81 -11.90
N PHE B 219 1.95 28.81 -13.00
CA PHE B 219 2.53 28.60 -14.32
C PHE B 219 3.66 29.59 -14.62
N LYS B 220 3.36 30.90 -14.60
CA LYS B 220 4.30 31.94 -15.02
C LYS B 220 5.56 31.95 -14.14
N GLU B 221 5.40 31.66 -12.85
CA GLU B 221 6.46 31.84 -11.87
C GLU B 221 7.37 30.61 -11.78
N LEU B 222 6.82 29.40 -12.00
CA LEU B 222 7.53 28.17 -11.64
C LEU B 222 7.74 27.26 -12.85
N VAL B 223 6.74 27.16 -13.74
CA VAL B 223 6.83 26.27 -14.90
C VAL B 223 7.50 26.99 -16.05
N VAL B 224 7.17 28.26 -16.27
CA VAL B 224 7.71 29.02 -17.39
C VAL B 224 9.24 29.08 -17.28
N PRO B 225 9.83 29.23 -16.08
CA PRO B 225 11.29 29.08 -15.92
C PRO B 225 11.85 27.82 -16.56
N GLU B 226 11.23 26.67 -16.28
CA GLU B 226 11.71 25.37 -16.70
C GLU B 226 11.70 25.25 -18.22
N ILE B 227 10.74 25.93 -18.87
CA ILE B 227 10.55 25.81 -20.31
C ILE B 227 11.60 26.66 -21.04
N LYS B 228 11.86 27.87 -20.52
CA LYS B 228 12.87 28.76 -21.07
C LYS B 228 14.23 28.05 -21.17
N LYS B 229 14.49 27.13 -20.24
CA LYS B 229 15.72 26.34 -20.23
C LYS B 229 15.90 25.61 -21.57
N LYS B 230 14.79 25.15 -22.16
CA LYS B 230 14.77 24.50 -23.45
C LYS B 230 15.74 23.31 -23.52
N ASP B 231 15.88 22.53 -22.43
CA ASP B 231 16.86 21.45 -22.37
C ASP B 231 16.21 20.07 -22.55
N LYS B 232 14.94 19.97 -22.15
CA LYS B 232 14.24 18.71 -22.09
C LYS B 232 12.77 18.96 -22.43
N PRO B 233 12.00 17.93 -22.87
CA PRO B 233 10.55 18.03 -22.90
C PRO B 233 9.99 17.87 -21.49
N ILE B 234 8.84 18.52 -21.25
CA ILE B 234 8.26 18.59 -19.92
C ILE B 234 6.89 17.92 -19.93
N LEU B 235 6.68 16.98 -19.01
CA LEU B 235 5.36 16.49 -18.66
C LEU B 235 4.88 17.19 -17.37
N PHE B 236 3.86 18.04 -17.50
CA PHE B 236 3.32 18.81 -16.40
C PHE B 236 2.00 18.21 -15.93
N VAL B 237 2.03 17.44 -14.84
CA VAL B 237 0.86 16.68 -14.38
C VAL B 237 0.18 17.43 -13.24
N VAL B 238 -1.14 17.50 -13.27
CA VAL B 238 -1.92 18.05 -12.17
C VAL B 238 -2.80 16.92 -11.66
N ILE B 239 -2.48 16.46 -10.45
CA ILE B 239 -3.28 15.46 -9.76
C ILE B 239 -4.25 16.23 -8.88
N ASP B 240 -5.54 16.19 -9.24
CA ASP B 240 -6.55 16.93 -8.50
C ASP B 240 -6.65 16.37 -7.09
N ASN B 241 -6.81 17.27 -6.10
CA ASN B 241 -7.13 16.91 -4.74
C ASN B 241 -6.04 16.02 -4.15
N LEU B 242 -4.78 16.47 -4.21
CA LEU B 242 -3.69 15.72 -3.57
C LEU B 242 -3.19 16.42 -2.31
N ARG B 243 -3.47 15.79 -1.14
CA ARG B 243 -2.94 16.27 0.12
C ARG B 243 -1.44 16.00 0.19
N TYR B 244 -0.70 16.93 0.82
CA TYR B 244 0.73 16.80 1.02
C TYR B 244 1.09 15.42 1.55
N ASP B 245 0.38 14.98 2.60
CA ASP B 245 0.64 13.66 3.16
C ASP B 245 0.64 12.63 2.02
N GLN B 246 -0.38 12.63 1.16
CA GLN B 246 -0.54 11.60 0.14
C GLN B 246 0.65 11.54 -0.80
N TRP B 247 1.13 12.70 -1.23
CA TRP B 247 2.38 12.80 -1.95
C TRP B 247 3.50 12.10 -1.19
N LYS B 248 3.65 12.42 0.10
CA LYS B 248 4.73 11.87 0.91
C LYS B 248 4.61 10.35 0.96
N SER B 249 3.41 9.82 0.84
CA SER B 249 3.19 8.38 0.98
C SER B 249 3.72 7.64 -0.23
N PHE B 250 3.84 8.31 -1.39
CA PHE B 250 4.35 7.65 -2.58
C PHE B 250 5.61 8.33 -3.13
N GLU B 251 6.25 9.21 -2.35
CA GLU B 251 7.49 9.86 -2.75
C GLU B 251 8.62 8.85 -3.03
N THR B 252 8.72 7.79 -2.20
CA THR B 252 9.75 6.79 -2.43
C THR B 252 9.49 6.05 -3.74
N VAL B 253 8.22 5.83 -4.12
CA VAL B 253 7.93 5.11 -5.36
C VAL B 253 8.40 5.93 -6.55
N ILE B 254 8.13 7.24 -6.52
CA ILE B 254 8.48 8.12 -7.63
C ILE B 254 10.00 8.15 -7.78
N SER B 255 10.72 7.97 -6.67
CA SER B 255 12.17 7.98 -6.64
C SER B 255 12.77 6.89 -7.54
N ASN B 256 12.11 5.72 -7.62
CA ASN B 256 12.56 4.62 -8.45
C ASN B 256 12.64 5.01 -9.92
N TYR B 257 12.08 6.17 -10.30
CA TYR B 257 12.00 6.56 -11.70
C TYR B 257 12.50 7.99 -11.91
N TYR B 258 12.26 8.88 -10.94
CA TYR B 258 12.55 10.30 -11.06
C TYR B 258 13.34 10.82 -9.88
N LYS B 259 14.42 11.57 -10.17
CA LYS B 259 15.18 12.30 -9.16
C LYS B 259 14.49 13.65 -8.90
N LEU B 260 14.27 14.01 -7.62
CA LEU B 260 13.62 15.28 -7.33
C LEU B 260 14.62 16.42 -7.49
N GLU B 261 14.34 17.36 -8.39
CA GLU B 261 15.23 18.48 -8.60
C GLU B 261 14.85 19.62 -7.65
N LYS B 262 13.54 19.83 -7.43
CA LYS B 262 13.03 21.02 -6.75
C LYS B 262 11.66 20.72 -6.12
N GLU B 263 11.41 21.27 -4.91
CA GLU B 263 10.13 21.16 -4.23
C GLU B 263 9.77 22.52 -3.64
N VAL B 264 8.63 23.09 -4.06
CA VAL B 264 8.16 24.35 -3.52
C VAL B 264 6.72 24.16 -3.04
N PRO B 265 6.46 24.20 -1.72
CA PRO B 265 5.09 24.30 -1.22
C PRO B 265 4.48 25.62 -1.68
N TYR B 266 3.22 25.57 -2.16
CA TYR B 266 2.52 26.74 -2.63
C TYR B 266 1.10 26.70 -2.07
N PHE B 267 0.45 27.89 -2.01
CA PHE B 267 -0.85 28.03 -1.37
C PHE B 267 -1.95 28.09 -2.42
N SER B 268 -2.97 27.22 -2.31
CA SER B 268 -4.11 27.27 -3.20
C SER B 268 -4.94 28.52 -2.89
N ILE B 269 -5.53 29.13 -3.91
CA ILE B 269 -6.41 30.27 -3.72
C ILE B 269 -7.74 29.79 -3.13
N LEU B 270 -8.49 30.70 -2.51
CA LEU B 270 -9.82 30.39 -2.01
C LEU B 270 -10.86 30.77 -3.07
N PRO B 271 -11.96 30.01 -3.25
CA PRO B 271 -12.19 28.74 -2.55
C PRO B 271 -11.28 27.61 -3.06
N THR B 272 -10.90 26.69 -2.17
CA THR B 272 -9.98 25.62 -2.55
C THR B 272 -10.75 24.53 -3.30
N ALA B 273 -11.22 24.88 -4.51
CA ALA B 273 -12.09 24.02 -5.30
C ALA B 273 -11.57 24.00 -6.72
N VAL B 274 -11.85 22.88 -7.43
CA VAL B 274 -11.34 22.68 -8.78
C VAL B 274 -11.76 23.84 -9.68
N GLN B 275 -13.03 24.27 -9.57
CA GLN B 275 -13.59 25.27 -10.47
C GLN B 275 -12.73 26.54 -10.50
N TYR B 276 -12.19 26.92 -9.33
CA TYR B 276 -11.47 28.19 -9.22
C TYR B 276 -9.97 27.97 -9.28
N ALA B 277 -9.44 27.08 -8.42
CA ALA B 277 -8.00 26.89 -8.29
C ALA B 277 -7.34 26.38 -9.58
N ARG B 278 -7.87 25.31 -10.16
CA ARG B 278 -7.21 24.67 -11.30
C ARG B 278 -7.25 25.63 -12.48
N ASN B 279 -8.41 26.25 -12.72
CA ASN B 279 -8.56 27.17 -13.84
C ASN B 279 -7.53 28.30 -13.71
N ALA B 280 -7.27 28.71 -12.45
CA ALA B 280 -6.32 29.77 -12.17
C ALA B 280 -4.92 29.40 -12.65
N ILE B 281 -4.52 28.15 -12.36
CA ILE B 281 -3.21 27.66 -12.74
C ILE B 281 -3.06 27.73 -14.25
N PHE B 282 -4.09 27.30 -14.98
CA PHE B 282 -4.00 27.21 -16.43
C PHE B 282 -4.17 28.57 -17.11
N SER B 283 -4.79 29.54 -16.43
CA SER B 283 -5.05 30.85 -17.00
C SER B 283 -3.99 31.89 -16.61
N GLY B 284 -3.38 31.74 -15.42
CA GLY B 284 -2.50 32.76 -14.89
C GLY B 284 -3.28 34.00 -14.48
N LEU B 285 -4.61 33.91 -14.52
CA LEU B 285 -5.53 34.97 -14.09
C LEU B 285 -6.39 34.48 -12.94
N MET B 286 -6.82 35.42 -12.09
CA MET B 286 -7.70 35.10 -10.96
C MET B 286 -9.12 34.87 -11.48
N PRO B 287 -9.96 34.08 -10.76
CA PRO B 287 -11.30 33.77 -11.23
C PRO B 287 -12.08 34.97 -11.78
N LEU B 288 -11.99 36.11 -11.09
CA LEU B 288 -12.65 37.33 -11.54
C LEU B 288 -12.16 37.71 -12.93
N ASP B 289 -10.84 37.72 -13.14
CA ASP B 289 -10.26 38.11 -14.42
C ASP B 289 -10.64 37.11 -15.53
N MET B 290 -10.76 35.84 -15.16
CA MET B 290 -11.18 34.80 -16.10
C MET B 290 -12.63 35.05 -16.52
N GLU B 291 -13.45 35.57 -15.60
CA GLU B 291 -14.83 35.95 -15.90
C GLU B 291 -14.87 37.12 -16.88
N LYS B 292 -13.94 38.07 -16.70
CA LYS B 292 -13.88 39.28 -17.52
C LYS B 292 -13.35 38.96 -18.92
N GLN B 293 -12.18 38.31 -19.03
CA GLN B 293 -11.51 38.15 -20.31
C GLN B 293 -12.04 36.94 -21.09
N PHE B 294 -12.56 35.94 -20.38
CA PHE B 294 -13.00 34.70 -21.02
C PHE B 294 -14.41 34.34 -20.53
N PRO B 295 -15.44 35.17 -20.79
CA PRO B 295 -16.82 34.81 -20.45
C PRO B 295 -17.25 33.60 -21.26
N GLN B 296 -16.61 33.41 -22.43
CA GLN B 296 -16.85 32.24 -23.27
C GLN B 296 -16.35 30.97 -22.59
N TYR B 297 -15.44 31.09 -21.62
CA TYR B 297 -14.86 29.93 -20.96
C TYR B 297 -15.26 29.85 -19.47
N TRP B 298 -15.47 31.00 -18.81
CA TRP B 298 -15.73 30.98 -17.37
C TRP B 298 -17.15 30.47 -17.11
N LYS B 299 -17.35 29.88 -15.92
CA LYS B 299 -18.64 29.38 -15.52
C LYS B 299 -18.80 29.66 -14.01
N ASN B 300 -19.82 30.44 -13.65
CA ASN B 300 -20.11 30.71 -12.24
C ASN B 300 -20.81 29.49 -11.64
N ASP B 301 -20.96 29.49 -10.31
CA ASP B 301 -21.53 28.35 -9.61
C ASP B 301 -22.93 28.06 -10.14
N VAL B 302 -23.70 29.15 -10.39
CA VAL B 302 -25.08 29.05 -10.84
C VAL B 302 -25.15 28.33 -12.19
N GLU B 303 -24.15 28.58 -13.07
CA GLU B 303 -24.14 27.99 -14.39
C GLU B 303 -24.03 26.47 -14.26
N ASP B 304 -24.68 25.72 -15.16
CA ASP B 304 -24.70 24.26 -15.13
C ASP B 304 -23.54 23.71 -15.95
N GLY B 305 -23.32 22.39 -15.86
CA GLY B 305 -22.29 21.69 -16.62
C GLY B 305 -20.95 21.67 -15.89
N GLY B 306 -19.87 21.40 -16.64
CA GLY B 306 -18.53 21.36 -16.08
C GLY B 306 -18.00 22.78 -15.86
N LYS B 307 -17.00 22.89 -14.96
CA LYS B 307 -16.44 24.19 -14.63
C LYS B 307 -14.99 24.31 -15.11
N ASN B 308 -14.42 23.22 -15.61
CA ASN B 308 -13.03 23.19 -16.05
C ASN B 308 -12.91 22.55 -17.42
N LEU B 309 -13.83 22.92 -18.34
CA LEU B 309 -13.93 22.28 -19.63
C LEU B 309 -13.04 22.99 -20.65
N TYR B 310 -12.48 24.15 -20.27
CA TYR B 310 -11.73 24.97 -21.20
C TYR B 310 -10.32 25.27 -20.71
N GLU B 311 -9.74 24.38 -19.90
CA GLU B 311 -8.43 24.61 -19.30
C GLU B 311 -7.36 24.72 -20.38
N ALA B 312 -7.48 23.87 -21.42
CA ALA B 312 -6.55 23.86 -22.54
C ALA B 312 -6.54 25.21 -23.24
N GLU B 313 -7.72 25.81 -23.43
CA GLU B 313 -7.86 27.09 -24.11
C GLU B 313 -7.20 28.20 -23.28
N PHE B 314 -7.50 28.22 -21.97
CA PHE B 314 -6.88 29.18 -21.05
C PHE B 314 -5.36 29.06 -21.11
N LEU B 315 -4.87 27.82 -21.09
CA LEU B 315 -3.45 27.54 -21.02
C LEU B 315 -2.77 28.02 -22.30
N SER B 316 -3.32 27.64 -23.46
CA SER B 316 -2.75 28.03 -24.74
C SER B 316 -2.66 29.56 -24.80
N ALA B 317 -3.67 30.24 -24.27
CA ALA B 317 -3.68 31.69 -24.23
C ALA B 317 -2.51 32.20 -23.40
N GLN B 318 -2.30 31.61 -22.22
CA GLN B 318 -1.24 32.04 -21.32
C GLN B 318 0.12 31.90 -22.01
N ILE B 319 0.33 30.76 -22.70
CA ILE B 319 1.57 30.49 -23.40
C ILE B 319 1.77 31.53 -24.51
N LYS B 320 0.68 31.88 -25.20
CA LYS B 320 0.69 32.90 -26.23
C LYS B 320 0.90 34.28 -25.59
N ARG B 321 0.24 34.52 -24.45
CA ARG B 321 0.34 35.78 -23.73
C ARG B 321 1.76 35.99 -23.20
N LEU B 322 2.45 34.88 -22.87
CA LEU B 322 3.82 34.95 -22.37
C LEU B 322 4.82 34.85 -23.52
N GLY B 323 4.31 34.94 -24.77
CA GLY B 323 5.16 34.96 -25.95
C GLY B 323 6.11 33.76 -26.03
N LEU B 324 5.54 32.56 -25.89
CA LEU B 324 6.30 31.32 -26.04
C LEU B 324 5.71 30.54 -27.20
N ASN B 325 6.42 30.47 -28.33
CA ASN B 325 5.96 29.62 -29.42
C ASN B 325 6.59 28.25 -29.21
N ILE B 326 5.81 27.29 -28.65
CA ILE B 326 6.26 25.95 -28.34
C ILE B 326 5.19 24.95 -28.77
N LYS B 327 5.55 23.67 -28.84
CA LYS B 327 4.61 22.58 -29.09
C LYS B 327 4.00 22.17 -27.75
N GLU B 328 2.67 22.23 -27.64
CA GLU B 328 1.96 21.96 -26.38
C GLU B 328 0.66 21.18 -26.64
N ASP B 329 0.31 20.25 -25.73
CA ASP B 329 -0.93 19.48 -25.79
C ASP B 329 -1.45 19.25 -24.37
N TYR B 330 -2.75 18.95 -24.26
CA TYR B 330 -3.44 18.92 -22.97
C TYR B 330 -4.35 17.69 -22.90
N PHE B 331 -4.24 16.93 -21.82
CA PHE B 331 -5.07 15.74 -21.62
C PHE B 331 -5.70 15.79 -20.23
N LYS B 332 -6.99 15.46 -20.18
CA LYS B 332 -7.74 15.43 -18.95
C LYS B 332 -8.23 14.02 -18.70
N ILE B 333 -7.52 13.29 -17.83
CA ILE B 333 -7.85 11.91 -17.52
C ILE B 333 -8.91 11.92 -16.45
N THR B 334 -10.02 11.20 -16.71
CA THR B 334 -11.16 11.19 -15.81
C THR B 334 -11.60 9.76 -15.49
N ASN B 335 -10.84 8.76 -15.96
CA ASN B 335 -11.22 7.35 -15.80
C ASN B 335 -10.02 6.47 -16.13
N TYR B 336 -10.13 5.17 -15.83
CA TYR B 336 -9.08 4.19 -16.06
C TYR B 336 -8.67 4.11 -17.54
N ALA B 337 -9.66 3.83 -18.41
CA ALA B 337 -9.37 3.64 -19.83
C ALA B 337 -8.61 4.84 -20.41
N GLY B 338 -9.08 6.06 -20.12
CA GLY B 338 -8.41 7.28 -20.57
C GLY B 338 -6.93 7.32 -20.19
N GLY B 339 -6.64 7.03 -18.91
CA GLY B 339 -5.27 6.96 -18.41
C GLY B 339 -4.45 5.85 -19.04
N LYS B 340 -5.05 4.65 -19.19
CA LYS B 340 -4.39 3.53 -19.83
C LYS B 340 -4.13 3.80 -21.31
N LYS B 341 -5.09 4.46 -21.96
CA LYS B 341 -4.93 4.86 -23.34
C LYS B 341 -3.73 5.79 -23.46
N LEU B 342 -3.71 6.86 -22.66
CA LEU B 342 -2.64 7.86 -22.77
C LEU B 342 -1.28 7.21 -22.50
N ALA B 343 -1.24 6.24 -21.58
CA ALA B 343 0.00 5.53 -21.26
C ALA B 343 0.52 4.76 -22.48
N GLU B 344 -0.37 4.05 -23.18
CA GLU B 344 0.03 3.18 -24.27
C GLU B 344 0.36 3.98 -25.53
N ASN B 345 0.00 5.27 -25.56
CA ASN B 345 0.23 6.13 -26.72
C ASN B 345 1.12 7.33 -26.38
N PHE B 346 1.72 7.34 -25.19
CA PHE B 346 2.50 8.48 -24.77
C PHE B 346 3.68 8.66 -25.73
N LYS B 347 4.06 7.57 -26.41
CA LYS B 347 5.16 7.56 -27.36
C LYS B 347 4.95 8.65 -28.42
N ALA B 348 3.73 8.76 -28.94
CA ALA B 348 3.37 9.76 -29.94
C ALA B 348 3.61 11.19 -29.45
N LEU B 349 3.59 11.42 -28.13
CA LEU B 349 3.73 12.75 -27.58
C LEU B 349 5.20 13.16 -27.42
N LYS B 350 6.12 12.44 -28.10
CA LYS B 350 7.55 12.67 -27.96
C LYS B 350 7.92 14.07 -28.45
N GLY B 351 7.42 14.44 -29.65
CA GLY B 351 7.77 15.69 -30.29
C GLY B 351 7.40 16.92 -29.48
N ASN B 352 6.31 16.84 -28.70
CA ASN B 352 5.84 17.94 -27.90
C ASN B 352 6.95 18.44 -26.98
N ASP B 353 7.09 19.77 -26.85
CA ASP B 353 8.00 20.35 -25.87
C ASP B 353 7.30 20.31 -24.51
N LEU B 354 5.96 20.42 -24.50
CA LEU B 354 5.20 20.43 -23.26
C LEU B 354 3.97 19.51 -23.37
N VAL B 355 3.78 18.62 -22.39
CA VAL B 355 2.59 17.80 -22.29
C VAL B 355 1.97 18.03 -20.91
N THR B 356 0.72 18.51 -20.89
CA THR B 356 0.00 18.74 -19.64
C THR B 356 -1.04 17.65 -19.46
N VAL B 357 -0.96 16.92 -18.34
CA VAL B 357 -1.93 15.88 -18.02
C VAL B 357 -2.67 16.26 -16.73
N VAL B 358 -4.01 16.33 -16.76
CA VAL B 358 -4.83 16.47 -15.56
C VAL B 358 -5.37 15.10 -15.16
N TYR B 359 -5.13 14.68 -13.90
CA TYR B 359 -5.61 13.41 -13.36
C TYR B 359 -6.59 13.65 -12.21
N ASN B 360 -7.74 12.95 -12.19
CA ASN B 360 -8.84 13.29 -11.27
C ASN B 360 -9.23 12.14 -10.37
N PHE B 361 -8.41 11.09 -10.24
CA PHE B 361 -8.84 9.87 -9.57
C PHE B 361 -8.94 10.09 -8.07
N VAL B 362 -8.01 10.85 -7.49
CA VAL B 362 -7.94 10.97 -6.04
C VAL B 362 -9.13 11.79 -5.57
N ASP B 363 -9.50 12.84 -6.32
CA ASP B 363 -10.70 13.62 -6.01
C ASP B 363 -11.90 12.68 -6.01
N MET B 364 -11.97 11.81 -7.03
CA MET B 364 -13.04 10.85 -7.18
C MET B 364 -13.03 9.86 -6.01
N LEU B 365 -11.84 9.37 -5.66
CA LEU B 365 -11.63 8.49 -4.52
C LEU B 365 -12.03 9.20 -3.21
N SER B 366 -11.63 10.48 -3.07
CA SER B 366 -11.87 11.21 -1.85
C SER B 366 -13.37 11.32 -1.56
N HIS B 367 -14.14 11.70 -2.59
CA HIS B 367 -15.58 11.86 -2.46
C HIS B 367 -16.30 10.51 -2.38
N ALA B 368 -15.63 9.43 -2.77
CA ALA B 368 -16.24 8.11 -2.77
C ALA B 368 -16.52 7.64 -1.34
N LYS B 369 -15.73 8.07 -0.37
CA LYS B 369 -15.93 7.69 1.03
C LYS B 369 -17.31 8.14 1.51
N THR B 370 -17.81 9.25 0.95
CA THR B 370 -19.13 9.76 1.28
C THR B 370 -20.22 8.83 0.77
N GLU B 371 -19.93 8.02 -0.27
CA GLU B 371 -20.94 7.21 -0.93
C GLU B 371 -20.67 5.72 -0.88
N MET B 372 -19.51 5.25 -0.40
CA MET B 372 -19.19 3.82 -0.43
C MET B 372 -18.69 3.39 0.94
N GLU B 373 -19.28 2.34 1.52
CA GLU B 373 -18.78 1.74 2.76
C GLU B 373 -17.40 1.12 2.53
N VAL B 374 -17.16 0.61 1.32
CA VAL B 374 -15.86 0.10 0.92
C VAL B 374 -14.77 1.13 1.20
N VAL B 375 -14.94 2.34 0.67
CA VAL B 375 -13.94 3.40 0.82
C VAL B 375 -13.93 3.86 2.29
N LYS B 376 -15.06 3.69 3.00
CA LYS B 376 -15.12 4.05 4.40
C LYS B 376 -14.13 3.22 5.21
N GLU B 377 -14.11 1.92 4.93
CA GLU B 377 -13.22 1.01 5.64
C GLU B 377 -11.79 1.15 5.13
N LEU B 378 -11.62 1.39 3.82
CA LEU B 378 -10.29 1.51 3.21
C LEU B 378 -9.63 2.84 3.54
N ALA B 379 -10.42 3.83 3.95
CA ALA B 379 -9.92 5.15 4.29
C ALA B 379 -10.54 5.64 5.59
N SER B 380 -10.59 4.76 6.59
CA SER B 380 -11.14 5.10 7.89
C SER B 380 -10.43 6.32 8.51
N ASP B 381 -9.08 6.34 8.50
CA ASP B 381 -8.27 7.43 9.01
C ASP B 381 -7.29 7.85 7.93
N ASP B 382 -6.53 8.93 8.20
CA ASP B 382 -5.59 9.50 7.24
C ASP B 382 -4.50 8.49 6.87
N LYS B 383 -4.00 7.74 7.84
CA LYS B 383 -3.03 6.68 7.62
C LYS B 383 -3.58 5.69 6.60
N ALA B 384 -4.83 5.26 6.81
CA ALA B 384 -5.47 4.33 5.89
C ALA B 384 -5.55 4.97 4.50
N TYR B 385 -5.91 6.25 4.46
CA TYR B 385 -6.06 6.98 3.22
C TYR B 385 -4.72 7.06 2.47
N ARG B 386 -3.62 7.27 3.21
CA ARG B 386 -2.26 7.28 2.68
C ARG B 386 -1.90 5.91 2.11
N SER B 387 -2.21 4.85 2.87
CA SER B 387 -1.96 3.47 2.47
C SER B 387 -2.75 3.14 1.20
N LEU B 388 -4.01 3.62 1.14
CA LEU B 388 -4.86 3.40 -0.02
C LEU B 388 -4.28 4.14 -1.24
N THR B 389 -3.77 5.36 -1.01
CA THR B 389 -3.23 6.17 -2.09
C THR B 389 -1.99 5.50 -2.64
N LEU B 390 -1.19 4.90 -1.74
CA LEU B 390 0.06 4.30 -2.13
C LEU B 390 -0.25 3.08 -2.98
N SER B 391 -1.21 2.25 -2.54
CA SER B 391 -1.66 1.11 -3.30
C SER B 391 -2.07 1.54 -4.71
N TRP B 392 -2.86 2.62 -4.81
CA TRP B 392 -3.30 3.18 -6.08
C TRP B 392 -2.10 3.53 -6.97
N PHE B 393 -1.27 4.50 -6.54
CA PHE B 393 -0.21 5.07 -7.36
C PHE B 393 0.75 3.97 -7.80
N LYS B 394 1.06 3.02 -6.91
CA LYS B 394 1.95 1.91 -7.24
C LYS B 394 1.37 1.05 -8.36
N ASN B 395 0.05 1.12 -8.56
CA ASN B 395 -0.62 0.35 -9.60
C ASN B 395 -1.41 1.28 -10.52
N SER B 396 -1.06 2.58 -10.56
CA SER B 396 -1.86 3.56 -11.28
C SER B 396 -1.41 3.66 -12.74
N PRO B 397 -2.35 3.86 -13.68
CA PRO B 397 -1.98 4.18 -15.05
C PRO B 397 -1.15 5.45 -15.15
N LEU B 398 -1.27 6.34 -14.15
CA LEU B 398 -0.47 7.56 -14.12
C LEU B 398 1.02 7.21 -14.01
N LEU B 399 1.35 6.24 -13.15
CA LEU B 399 2.74 5.81 -13.02
C LEU B 399 3.29 5.29 -14.35
N GLU B 400 2.46 4.58 -15.11
CA GLU B 400 2.83 4.09 -16.44
C GLU B 400 3.11 5.27 -17.38
N ILE B 401 2.32 6.34 -17.25
CA ILE B 401 2.54 7.57 -18.00
C ILE B 401 3.86 8.20 -17.58
N ILE B 402 4.12 8.21 -16.27
CA ILE B 402 5.35 8.77 -15.74
C ILE B 402 6.54 7.93 -16.21
N GLN B 403 6.40 6.60 -16.16
CA GLN B 403 7.48 5.70 -16.57
C GLN B 403 7.81 5.89 -18.04
N GLN B 404 6.75 6.12 -18.83
CA GLN B 404 6.87 6.36 -20.27
C GLN B 404 7.63 7.66 -20.53
N ALA B 405 7.30 8.70 -19.77
CA ALA B 405 7.98 9.99 -19.88
C ALA B 405 9.47 9.85 -19.57
N GLN B 406 9.79 9.10 -18.52
CA GLN B 406 11.18 8.90 -18.10
C GLN B 406 11.95 8.25 -19.25
N LEU B 407 11.35 7.23 -19.90
CA LEU B 407 11.97 6.58 -21.03
C LEU B 407 12.22 7.59 -22.15
N LEU B 408 11.30 8.54 -22.33
CA LEU B 408 11.46 9.54 -23.38
C LEU B 408 12.31 10.71 -22.89
N GLY B 409 12.83 10.62 -21.66
CA GLY B 409 13.71 11.64 -21.10
C GLY B 409 13.02 12.97 -20.82
N PHE B 410 11.72 12.93 -20.50
CA PHE B 410 10.93 14.11 -20.18
C PHE B 410 11.21 14.53 -18.73
N LYS B 411 11.30 15.86 -18.48
CA LYS B 411 11.31 16.38 -17.12
C LYS B 411 9.89 16.30 -16.57
N LEU B 412 9.74 15.89 -15.30
CA LEU B 412 8.42 15.69 -14.72
C LEU B 412 8.12 16.80 -13.73
N ILE B 413 6.97 17.45 -13.87
CA ILE B 413 6.49 18.43 -12.91
C ILE B 413 5.18 17.92 -12.36
N LEU B 414 5.18 17.53 -11.07
CA LEU B 414 4.01 17.00 -10.41
C LEU B 414 3.45 18.06 -9.47
N THR B 415 2.15 18.34 -9.56
CA THR B 415 1.51 19.34 -8.71
C THR B 415 0.04 19.01 -8.53
N THR B 416 -0.68 19.84 -7.78
CA THR B 416 -2.12 19.71 -7.56
C THR B 416 -2.73 21.11 -7.50
N ASP B 417 -4.05 21.19 -7.26
CA ASP B 417 -4.77 22.44 -7.18
C ASP B 417 -5.19 22.72 -5.74
N HIS B 418 -5.40 21.63 -4.95
CA HIS B 418 -5.89 21.72 -3.59
C HIS B 418 -5.83 20.35 -2.92
N GLY B 419 -6.16 20.30 -1.61
CA GLY B 419 -6.21 19.07 -0.86
C GLY B 419 -7.63 18.84 -0.31
N THR B 420 -7.80 17.95 0.66
CA THR B 420 -9.08 17.72 1.30
C THR B 420 -8.87 17.47 2.79
N ILE B 421 -9.92 17.68 3.60
CA ILE B 421 -9.83 17.47 5.02
C ILE B 421 -11.00 16.60 5.45
N ASN B 422 -10.78 15.74 6.45
CA ASN B 422 -11.86 14.97 7.02
C ASN B 422 -12.64 15.90 7.93
N VAL B 423 -13.79 16.39 7.45
CA VAL B 423 -14.70 17.24 8.22
C VAL B 423 -15.35 16.42 9.34
N LYS B 424 -15.45 17.01 10.54
CA LYS B 424 -15.94 16.31 11.72
C LYS B 424 -17.04 17.09 12.44
N ASN B 425 -17.09 18.42 12.27
CA ASN B 425 -18.00 19.24 13.07
C ASN B 425 -18.93 20.02 12.15
N PRO B 426 -20.28 19.96 12.39
CA PRO B 426 -21.25 20.72 11.60
C PRO B 426 -21.42 22.19 11.99
N SER B 427 -21.55 23.06 10.97
CA SER B 427 -21.87 24.47 11.13
C SER B 427 -23.12 24.81 10.29
N LYS B 428 -24.14 25.44 10.93
CA LYS B 428 -25.42 25.70 10.26
C LYS B 428 -25.26 26.80 9.22
N VAL B 429 -26.02 26.69 8.12
CA VAL B 429 -25.95 27.66 7.03
C VAL B 429 -27.29 27.70 6.31
N VAL B 430 -27.70 28.90 5.87
CA VAL B 430 -28.90 29.07 5.04
C VAL B 430 -28.57 30.03 3.89
N GLY B 431 -29.08 29.75 2.68
CA GLY B 431 -28.88 30.62 1.53
C GLY B 431 -29.17 29.93 0.19
N LEU B 437 -23.38 22.30 -3.30
CA LEU B 437 -22.20 23.17 -3.10
C LEU B 437 -21.06 22.34 -2.49
N ASN B 438 -20.05 23.05 -1.93
CA ASN B 438 -18.78 22.41 -1.56
C ASN B 438 -18.76 22.02 -0.09
N LEU B 439 -19.72 22.54 0.69
CA LEU B 439 -19.82 22.17 2.10
C LEU B 439 -18.64 22.75 2.90
N ARG B 440 -17.78 23.52 2.23
CA ARG B 440 -16.66 24.19 2.86
C ARG B 440 -16.57 25.65 2.38
N TYR B 441 -17.27 25.97 1.28
CA TYR B 441 -17.33 27.34 0.78
C TYR B 441 -18.74 27.58 0.25
N LYS B 442 -19.23 28.83 0.36
CA LYS B 442 -20.51 29.21 -0.22
C LYS B 442 -20.45 30.66 -0.70
N THR B 443 -21.25 30.98 -1.73
CA THR B 443 -21.39 32.31 -2.27
C THR B 443 -22.88 32.58 -2.48
N GLY B 444 -23.31 33.84 -2.29
CA GLY B 444 -24.69 34.27 -2.48
C GLY B 444 -25.03 35.53 -1.70
N ARG B 445 -26.30 35.95 -1.77
CA ARG B 445 -26.74 37.22 -1.21
C ARG B 445 -27.36 36.99 0.17
N SER B 446 -28.40 36.15 0.24
CA SER B 446 -29.08 35.84 1.48
C SER B 446 -28.39 34.69 2.19
N LEU B 447 -27.17 34.97 2.69
CA LEU B 447 -26.37 33.95 3.36
C LEU B 447 -26.47 34.10 4.88
N THR B 448 -26.83 33.01 5.57
CA THR B 448 -26.83 32.94 7.02
C THR B 448 -25.72 32.00 7.46
N TYR B 449 -24.90 32.41 8.44
CA TYR B 449 -23.73 31.62 8.79
C TYR B 449 -23.28 31.88 10.21
N GLU B 450 -22.70 30.88 10.86
CA GLU B 450 -21.96 31.11 12.09
C GLU B 450 -20.63 31.76 11.72
N GLN B 451 -20.44 33.04 12.07
CA GLN B 451 -19.27 33.77 11.58
C GLN B 451 -18.00 33.35 12.31
N LYS B 452 -18.12 32.89 13.56
CA LYS B 452 -16.97 32.38 14.29
C LYS B 452 -16.40 31.15 13.59
N ASP B 453 -17.24 30.46 12.80
CA ASP B 453 -16.89 29.17 12.20
C ASP B 453 -16.31 29.35 10.79
N VAL B 454 -16.48 30.52 10.17
CA VAL B 454 -16.12 30.69 8.78
C VAL B 454 -15.40 32.02 8.59
N TYR B 455 -14.74 32.16 7.45
CA TYR B 455 -14.09 33.39 7.06
C TYR B 455 -14.96 34.04 5.99
N VAL B 456 -15.51 35.23 6.28
CA VAL B 456 -16.48 35.86 5.40
C VAL B 456 -15.77 36.94 4.61
N VAL B 457 -16.07 37.05 3.31
CA VAL B 457 -15.55 38.11 2.46
C VAL B 457 -16.74 38.81 1.78
N LYS B 458 -17.22 39.92 2.37
CA LYS B 458 -18.41 40.61 1.88
C LYS B 458 -18.23 41.09 0.44
N GLU B 459 -17.02 41.55 0.11
CA GLU B 459 -16.71 42.04 -1.21
C GLU B 459 -15.77 41.05 -1.91
N PRO B 460 -16.30 40.08 -2.69
CA PRO B 460 -15.46 39.06 -3.31
C PRO B 460 -14.42 39.59 -4.27
N LYS B 461 -14.75 40.65 -5.02
CA LYS B 461 -13.85 41.20 -6.03
C LYS B 461 -12.52 41.63 -5.40
N THR B 462 -12.53 41.88 -4.08
CA THR B 462 -11.32 42.20 -3.34
C THR B 462 -10.32 41.04 -3.35
N ILE B 463 -10.81 39.80 -3.22
CA ILE B 463 -9.98 38.59 -3.22
C ILE B 463 -9.97 37.93 -4.61
N GLY B 464 -10.24 38.74 -5.65
CA GLY B 464 -10.13 38.31 -7.04
C GLY B 464 -11.19 37.27 -7.42
N LEU B 465 -12.33 37.30 -6.73
CA LEU B 465 -13.40 36.34 -6.93
C LEU B 465 -14.58 37.03 -7.60
N PRO B 466 -15.41 36.31 -8.40
CA PRO B 466 -16.63 36.85 -8.97
C PRO B 466 -17.70 37.22 -7.92
N ALA B 467 -18.57 38.16 -8.28
CA ALA B 467 -19.69 38.56 -7.44
C ALA B 467 -20.92 38.80 -8.32
N ILE B 468 -21.82 37.80 -8.42
CA ILE B 468 -23.00 37.89 -9.27
C ILE B 468 -23.67 39.25 -9.05
N ASN B 469 -23.78 39.65 -7.76
CA ASN B 469 -24.31 40.95 -7.35
C ASN B 469 -23.34 41.54 -6.34
N MET B 470 -23.42 42.86 -6.08
CA MET B 470 -22.61 43.48 -5.03
C MET B 470 -22.96 42.83 -3.69
N SER B 471 -24.24 42.49 -3.50
CA SER B 471 -24.69 41.80 -2.30
C SER B 471 -23.93 40.49 -2.08
N SER B 472 -23.64 39.76 -3.15
CA SER B 472 -23.01 38.43 -3.05
C SER B 472 -21.71 38.53 -2.28
N SER B 473 -21.38 37.49 -1.51
CA SER B 473 -20.16 37.42 -0.71
C SER B 473 -19.59 36.00 -0.78
N PHE B 474 -18.67 35.67 0.13
CA PHE B 474 -18.04 34.34 0.19
C PHE B 474 -17.83 33.93 1.64
N ILE B 475 -18.12 32.65 1.95
CA ILE B 475 -17.85 32.08 3.26
C ILE B 475 -17.00 30.82 3.09
N PHE B 476 -15.98 30.64 3.95
CA PHE B 476 -15.06 29.51 3.90
C PHE B 476 -14.95 28.88 5.28
N ALA B 477 -15.36 27.61 5.39
CA ALA B 477 -15.32 26.89 6.65
C ALA B 477 -13.87 26.69 7.08
N LYS B 478 -13.60 26.84 8.39
CA LYS B 478 -12.27 26.69 8.94
C LYS B 478 -12.20 25.36 9.69
N ASN B 479 -10.97 24.94 10.04
CA ASN B 479 -10.79 23.72 10.80
C ASN B 479 -11.47 22.58 10.07
N ASP B 480 -12.16 21.69 10.79
CA ASP B 480 -12.82 20.53 10.22
C ASP B 480 -14.34 20.74 10.13
N PHE B 481 -14.78 21.96 9.82
CA PHE B 481 -16.20 22.29 9.83
C PHE B 481 -16.82 21.95 8.48
N PHE B 482 -18.01 21.36 8.47
CA PHE B 482 -18.78 21.25 7.24
C PHE B 482 -20.04 22.10 7.36
N LEU B 483 -20.25 22.97 6.37
CA LEU B 483 -21.43 23.83 6.34
C LEU B 483 -22.68 22.97 6.06
N ALA B 484 -23.59 22.89 7.03
CA ALA B 484 -24.79 22.08 6.92
C ALA B 484 -26.03 22.97 6.86
N TYR B 485 -26.84 22.82 5.80
CA TYR B 485 -28.09 23.54 5.67
C TYR B 485 -29.01 23.16 6.83
N VAL B 486 -29.77 24.15 7.32
CA VAL B 486 -30.61 23.96 8.49
C VAL B 486 -31.77 23.02 8.15
N ASN B 487 -32.24 23.08 6.89
CA ASN B 487 -33.25 22.14 6.43
C ASN B 487 -32.56 20.77 6.33
N ASN B 488 -33.16 19.75 6.99
CA ASN B 488 -32.61 18.41 7.05
C ASN B 488 -31.20 18.41 7.66
N TYR B 489 -31.05 19.08 8.81
CA TYR B 489 -29.76 19.24 9.45
C TYR B 489 -29.21 17.89 9.92
N ASN B 490 -30.02 17.14 10.66
CA ASN B 490 -29.57 15.85 11.17
C ASN B 490 -29.07 14.94 10.04
N HIS B 491 -29.80 14.88 8.93
CA HIS B 491 -29.43 14.02 7.81
C HIS B 491 -28.13 14.48 7.16
N TYR B 492 -27.97 15.81 7.00
CA TYR B 492 -26.73 16.38 6.50
C TYR B 492 -25.55 15.91 7.36
N VAL B 493 -25.77 15.85 8.68
CA VAL B 493 -24.69 15.59 9.61
C VAL B 493 -24.30 14.13 9.51
N SER B 494 -25.28 13.22 9.53
CA SER B 494 -25.01 11.79 9.47
C SER B 494 -24.29 11.41 8.16
N TYR B 495 -24.65 12.04 7.04
CA TYR B 495 -24.13 11.70 5.73
C TYR B 495 -22.72 12.28 5.50
N TYR B 496 -22.46 13.51 5.97
CA TYR B 496 -21.19 14.16 5.67
C TYR B 496 -20.18 14.08 6.82
N LYS B 497 -20.56 13.56 7.99
CA LYS B 497 -19.62 13.43 9.09
C LYS B 497 -18.54 12.44 8.68
N ASN B 498 -17.26 12.78 8.97
CA ASN B 498 -16.12 11.93 8.67
C ASN B 498 -16.06 11.61 7.17
N THR B 499 -16.04 12.66 6.34
CA THR B 499 -15.92 12.56 4.90
C THR B 499 -14.95 13.63 4.43
N TYR B 500 -14.24 13.40 3.32
CA TYR B 500 -13.24 14.35 2.81
C TYR B 500 -13.93 15.43 1.97
N GLN B 501 -13.86 16.68 2.41
CA GLN B 501 -14.51 17.80 1.71
C GLN B 501 -13.49 18.91 1.50
N HIS B 502 -13.59 19.64 0.39
CA HIS B 502 -12.64 20.70 0.05
C HIS B 502 -13.38 21.99 -0.30
N GLY B 503 -12.62 23.08 -0.43
CA GLY B 503 -13.19 24.39 -0.72
C GLY B 503 -12.96 25.40 0.41
N GLY B 504 -12.52 24.91 1.58
CA GLY B 504 -12.35 25.73 2.77
C GLY B 504 -10.88 25.94 3.13
N ILE B 505 -10.62 26.39 4.37
CA ILE B 505 -9.27 26.74 4.81
C ILE B 505 -8.79 25.66 5.78
N SER B 506 -7.70 25.00 5.41
CA SER B 506 -7.04 24.05 6.28
C SER B 506 -5.66 23.80 5.72
N LEU B 507 -4.72 23.40 6.60
CA LEU B 507 -3.39 23.03 6.16
C LEU B 507 -3.49 22.01 5.04
N GLU B 508 -4.34 21.00 5.28
CA GLU B 508 -4.53 19.89 4.36
C GLU B 508 -4.96 20.38 2.98
N GLU B 509 -5.73 21.49 2.91
CA GLU B 509 -6.33 21.95 1.67
C GLU B 509 -5.47 22.99 0.95
N MET B 510 -4.97 24.01 1.67
CA MET B 510 -4.35 25.15 1.03
C MET B 510 -2.89 24.87 0.71
N ILE B 511 -2.14 24.30 1.65
CA ILE B 511 -0.71 24.05 1.45
C ILE B 511 -0.56 22.75 0.67
N ILE B 512 -0.11 22.85 -0.58
CA ILE B 512 -0.04 21.76 -1.53
C ILE B 512 1.34 21.77 -2.20
N PRO B 513 1.82 20.66 -2.80
CA PRO B 513 3.18 20.61 -3.36
C PRO B 513 3.41 20.98 -4.83
N PHE B 514 4.55 21.64 -5.11
CA PHE B 514 5.05 21.78 -6.47
C PHE B 514 6.36 21.01 -6.55
N LEU B 515 6.46 20.06 -7.49
CA LEU B 515 7.61 19.16 -7.56
C LEU B 515 8.14 19.09 -8.99
N VAL B 516 9.46 19.23 -9.16
CA VAL B 516 10.10 19.09 -10.45
C VAL B 516 11.10 17.93 -10.39
N PHE B 517 11.04 17.00 -11.36
CA PHE B 517 11.93 15.84 -11.38
C PHE B 517 12.64 15.69 -12.72
N ASN B 518 13.97 15.53 -12.70
CA ASN B 518 14.74 15.23 -13.89
C ASN B 518 14.79 13.70 -14.06
N PRO B 519 14.66 13.18 -15.30
CA PRO B 519 14.56 11.74 -15.50
C PRO B 519 15.83 10.99 -15.11
N LYS B 520 15.67 9.77 -14.58
CA LYS B 520 16.83 8.92 -14.29
C LYS B 520 17.06 7.95 -15.46
CA CA C . 35.90 10.29 13.76
CA CA D . -20.05 -12.73 -3.33
C1 GOL E . 16.22 20.00 15.00
O1 GOL E . 15.34 19.34 15.92
C2 GOL E . 15.99 21.51 14.86
O2 GOL E . 16.16 22.20 16.10
C3 GOL E . 16.93 22.17 13.86
O3 GOL E . 16.44 22.12 12.52
CA CA F . 34.59 -21.33 0.84
CA CA G . -13.56 17.48 -5.42
#